data_4P8C
#
_entry.id   4P8C
#
_cell.length_a   77.678
_cell.length_b   84.158
_cell.length_c   80.905
_cell.angle_alpha   90.00
_cell.angle_beta   103.17
_cell.angle_gamma   90.00
#
_symmetry.space_group_name_H-M   'P 1 21 1'
#
loop_
_entity.id
_entity.type
_entity.pdbx_description
1 polymer 'Probable decaprenylphosphoryl-beta-D-ribose oxidase'
2 non-polymer 'FLAVIN-ADENINE DINUCLEOTIDE'
3 non-polymer '6-(trifluoromethyl)-3-{[4-(trifluoromethyl)benzyl]amino}quinoxaline-2-carboxylic acid'
4 non-polymer IMIDAZOLE
5 non-polymer (2R)-2-{[(2R)-2-{[(2R)-2-hydroxypropyl]oxy}propyl]oxy}propan-1-ol
6 water water
#
_entity_poly.entity_id   1
_entity_poly.type   'polypeptide(L)'
_entity_poly.pdbx_seq_one_letter_code
;GSSHHHHHHSSGLVPRGSHMLSVGATTTATRLTGWGRTAPSVANVLRTPDAEMIVKAVARVAESGGGRGAIARGLGRSYG
DNAQNGGGLVIDMTPLNTIHSIDADTKLVDIDAGVNLDQLMKAALPFGLWVPVLPGTRQVTVGGAIACDIHGKNHHSAGS
FGNHVRSMDLLTADGEIRHLTPTGEDAELFWATVGGNGLTGIIMRATIEMTPTSTAYFIADGDVTASLDETIALHSDGSE
ARYTYSSAWFDAISAPPKLGRAAVSRGRLATVEQLPAKLRSEPLKFDAPQLLTLPDVFPNGLANKYTFGPIGELWYRKSG
TYRGKVQNLTQFYHPLDMFGEWNRAYGPAGFLQYQFVIPTEAVDEFKKIIGVIQASGHYSFLNVFKLFGPRNQAPLSFPI
PGWNICVDFPIKDGLGKFVSELDRRVLEFGGRLYTAKDSRTTAETFHAMYPRVDEWISVRRKVDPLRVFASDMARRLELL
;
_entity_poly.pdbx_strand_id   A,B
#
# COMPACT_ATOMS: atom_id res chain seq x y z
N THR A 26 -18.77 -21.85 6.52
CA THR A 26 -18.72 -23.28 6.95
C THR A 26 -18.49 -23.39 8.46
N THR A 27 -19.35 -24.16 9.14
CA THR A 27 -19.16 -24.50 10.56
C THR A 27 -18.48 -25.86 10.68
N THR A 28 -17.40 -25.92 11.49
CA THR A 28 -16.56 -27.10 11.59
C THR A 28 -15.94 -27.29 12.98
N ALA A 29 -16.09 -28.48 13.55
CA ALA A 29 -15.50 -28.81 14.85
C ALA A 29 -13.98 -28.89 14.75
N THR A 30 -13.30 -28.06 15.55
CA THR A 30 -11.83 -27.95 15.47
C THR A 30 -11.18 -27.94 16.85
N ARG A 31 -10.04 -28.61 16.94
CA ARG A 31 -9.21 -28.62 18.14
C ARG A 31 -8.28 -27.41 18.12
N LEU A 32 -8.44 -26.54 19.11
CA LEU A 32 -7.70 -25.27 19.14
C LEU A 32 -6.79 -25.13 20.34
N THR A 33 -5.63 -24.50 20.11
CA THR A 33 -4.75 -24.03 21.17
C THR A 33 -4.31 -22.61 20.86
N GLY A 34 -3.82 -21.89 21.87
CA GLY A 34 -3.09 -20.65 21.64
C GLY A 34 -1.72 -20.99 21.08
N TRP A 35 -0.92 -19.95 20.83
CA TRP A 35 0.42 -20.10 20.25
C TRP A 35 1.33 -21.02 21.03
N GLY A 36 1.04 -21.18 22.32
CA GLY A 36 1.80 -22.04 23.21
C GLY A 36 1.63 -23.54 22.99
N ARG A 37 0.65 -23.91 22.18
CA ARG A 37 0.32 -25.32 21.90
C ARG A 37 0.00 -26.14 23.16
N THR A 38 -0.68 -25.52 24.13
CA THR A 38 -1.15 -26.24 25.33
C THR A 38 -2.64 -25.99 25.58
N ALA A 39 -3.18 -26.62 26.62
CA ALA A 39 -4.59 -26.50 27.00
C ALA A 39 -5.57 -26.55 25.80
N PRO A 40 -5.51 -27.64 25.00
CA PRO A 40 -6.36 -27.73 23.81
C PRO A 40 -7.83 -27.95 24.15
N SER A 41 -8.73 -27.42 23.32
CA SER A 41 -10.16 -27.66 23.47
C SER A 41 -10.88 -27.67 22.13
N VAL A 42 -12.02 -28.35 22.09
CA VAL A 42 -12.78 -28.55 20.86
C VAL A 42 -13.91 -27.55 20.79
N ALA A 43 -13.97 -26.85 19.66
CA ALA A 43 -15.00 -25.84 19.42
C ALA A 43 -15.53 -25.94 18.00
N ASN A 44 -16.77 -25.49 17.81
CA ASN A 44 -17.33 -25.25 16.49
C ASN A 44 -16.75 -23.95 15.93
N VAL A 45 -15.89 -24.04 14.92
CA VAL A 45 -15.26 -22.89 14.29
C VAL A 45 -15.97 -22.42 13.01
N LEU A 46 -16.69 -21.30 13.14
CA LEU A 46 -17.29 -20.59 12.00
C LEU A 46 -16.21 -19.78 11.28
N ARG A 47 -16.09 -20.00 9.98
CA ARG A 47 -15.12 -19.27 9.15
C ARG A 47 -15.81 -18.74 7.89
N THR A 48 -16.25 -17.48 7.93
CA THR A 48 -16.98 -16.86 6.82
C THR A 48 -16.59 -15.40 6.61
N PRO A 49 -16.42 -14.97 5.34
CA PRO A 49 -16.20 -13.54 5.05
C PRO A 49 -17.49 -12.72 5.04
N ASP A 50 -18.63 -13.39 5.26
CA ASP A 50 -19.90 -12.71 5.29
C ASP A 50 -20.26 -12.23 6.70
N ALA A 51 -20.33 -10.92 6.87
CA ALA A 51 -20.60 -10.30 8.17
C ALA A 51 -22.01 -10.59 8.67
N GLU A 52 -22.96 -10.69 7.74
CA GLU A 52 -24.36 -10.99 8.05
C GLU A 52 -24.49 -12.37 8.66
N MET A 53 -23.65 -13.29 8.18
CA MET A 53 -23.60 -14.66 8.66
C MET A 53 -23.08 -14.71 10.10
N ILE A 54 -22.09 -13.86 10.40
CA ILE A 54 -21.53 -13.73 11.74
C ILE A 54 -22.60 -13.22 12.72
N VAL A 55 -23.35 -12.21 12.29
CA VAL A 55 -24.45 -11.64 13.09
C VAL A 55 -25.50 -12.71 13.43
N LYS A 56 -25.73 -13.61 12.49
CA LYS A 56 -26.71 -14.68 12.65
C LYS A 56 -26.28 -15.72 13.68
N ALA A 57 -25.02 -16.13 13.62
CA ALA A 57 -24.46 -17.08 14.61
C ALA A 57 -24.59 -16.55 16.03
N VAL A 58 -24.31 -15.27 16.23
CA VAL A 58 -24.44 -14.63 17.52
C VAL A 58 -25.91 -14.52 17.93
N ALA A 59 -26.77 -14.12 16.99
CA ALA A 59 -28.21 -14.11 17.21
C ALA A 59 -28.73 -15.49 17.64
N ARG A 60 -28.13 -16.55 17.08
CA ARG A 60 -28.53 -17.91 17.39
C ARG A 60 -28.19 -18.28 18.84
N VAL A 61 -26.90 -18.23 19.17
CA VAL A 61 -26.39 -18.46 20.53
C VAL A 61 -27.20 -17.66 21.57
N ALA A 62 -27.51 -16.40 21.25
CA ALA A 62 -28.29 -15.53 22.14
C ALA A 62 -29.72 -16.05 22.36
N GLU A 63 -30.27 -16.72 21.36
CA GLU A 63 -31.62 -17.26 21.41
C GLU A 63 -31.70 -18.64 22.05
N SER A 64 -30.56 -19.35 22.08
CA SER A 64 -30.48 -20.63 22.79
C SER A 64 -30.95 -20.47 24.23
N GLY A 65 -30.70 -19.29 24.81
CA GLY A 65 -31.12 -18.96 26.16
C GLY A 65 -30.24 -19.62 27.20
N GLY A 66 -28.96 -19.76 26.87
CA GLY A 66 -28.00 -20.45 27.73
C GLY A 66 -27.33 -21.61 27.03
N GLY A 67 -26.06 -21.43 26.70
CA GLY A 67 -25.22 -22.48 26.14
C GLY A 67 -23.79 -22.24 26.58
N ARG A 68 -22.83 -22.65 25.75
CA ARG A 68 -21.41 -22.43 26.07
C ARG A 68 -20.86 -21.17 25.39
N GLY A 69 -21.77 -20.38 24.80
CA GLY A 69 -21.45 -19.08 24.22
C GLY A 69 -20.55 -19.09 23.00
N ALA A 70 -20.00 -17.91 22.68
CA ALA A 70 -19.15 -17.72 21.51
C ALA A 70 -17.94 -16.80 21.81
N ILE A 71 -16.87 -16.94 21.03
CA ILE A 71 -15.73 -16.02 21.13
C ILE A 71 -15.06 -15.80 19.76
N ALA A 72 -14.67 -14.57 19.51
CA ALA A 72 -13.90 -14.25 18.31
C ALA A 72 -12.49 -14.81 18.41
N ARG A 73 -11.92 -15.13 17.26
CA ARG A 73 -10.53 -15.56 17.16
C ARG A 73 -9.85 -14.87 15.99
N GLY A 74 -8.63 -14.38 16.22
CA GLY A 74 -7.87 -13.71 15.18
C GLY A 74 -6.86 -14.68 14.59
N LEU A 75 -5.61 -14.27 14.56
CA LEU A 75 -4.54 -15.13 14.01
C LEU A 75 -3.95 -16.15 15.00
N GLY A 76 -4.52 -16.24 16.19
CA GLY A 76 -4.09 -17.20 17.20
C GLY A 76 -2.70 -16.98 17.78
N ARG A 77 -2.22 -15.73 17.77
CA ARG A 77 -0.89 -15.43 18.27
C ARG A 77 -0.82 -15.29 19.79
N SER A 78 -1.96 -15.20 20.47
CA SER A 78 -1.93 -15.24 21.92
C SER A 78 -1.48 -16.63 22.32
N TYR A 79 -0.56 -16.71 23.28
CA TYR A 79 -0.03 -18.00 23.74
C TYR A 79 -1.02 -18.85 24.53
N GLY A 80 -1.95 -18.18 25.21
CA GLY A 80 -2.87 -18.86 26.11
C GLY A 80 -4.20 -19.23 25.52
N ASP A 81 -5.23 -19.18 26.35
CA ASP A 81 -6.53 -19.76 26.03
C ASP A 81 -7.67 -18.73 25.83
N ASN A 82 -7.33 -17.50 25.46
CA ASN A 82 -8.38 -16.48 25.28
C ASN A 82 -9.15 -16.52 23.95
N ALA A 83 -8.58 -17.18 22.94
CA ALA A 83 -9.23 -17.30 21.63
C ALA A 83 -9.77 -18.71 21.36
N GLN A 84 -10.10 -19.44 22.41
CA GLN A 84 -10.78 -20.73 22.24
C GLN A 84 -12.00 -20.84 23.18
N ASN A 85 -12.90 -21.76 22.86
CA ASN A 85 -14.12 -21.93 23.64
C ASN A 85 -14.60 -23.38 23.60
N GLY A 86 -13.99 -24.22 24.43
CA GLY A 86 -14.30 -25.65 24.49
C GLY A 86 -15.78 -25.94 24.59
N GLY A 87 -16.29 -26.70 23.62
CA GLY A 87 -17.71 -27.07 23.56
C GLY A 87 -18.63 -25.94 23.22
N GLY A 88 -18.07 -24.85 22.69
CA GLY A 88 -18.84 -23.69 22.29
C GLY A 88 -18.49 -23.26 20.88
N LEU A 89 -18.87 -22.03 20.52
CA LEU A 89 -18.57 -21.50 19.20
C LEU A 89 -17.30 -20.64 19.22
N VAL A 90 -16.48 -20.79 18.18
CA VAL A 90 -15.36 -19.89 17.90
C VAL A 90 -15.57 -19.26 16.52
N ILE A 91 -15.53 -17.94 16.44
CA ILE A 91 -15.66 -17.27 15.15
C ILE A 91 -14.30 -16.75 14.69
N ASP A 92 -13.75 -17.41 13.67
CA ASP A 92 -12.52 -16.99 13.03
C ASP A 92 -12.78 -15.73 12.21
N MET A 93 -12.13 -14.64 12.59
CA MET A 93 -12.37 -13.33 11.98
C MET A 93 -11.44 -12.99 10.82
N THR A 94 -10.46 -13.84 10.55
CA THR A 94 -9.47 -13.56 9.52
C THR A 94 -9.98 -13.40 8.08
N PRO A 95 -11.15 -13.97 7.74
CA PRO A 95 -11.67 -13.72 6.39
C PRO A 95 -12.21 -12.29 6.21
N LEU A 96 -12.63 -11.68 7.31
CA LEU A 96 -13.15 -10.33 7.27
C LEU A 96 -11.95 -9.39 7.31
N ASN A 97 -11.33 -9.17 6.15
CA ASN A 97 -10.02 -8.54 6.08
C ASN A 97 -9.90 -7.42 5.04
N THR A 98 -10.99 -6.68 4.84
CA THR A 98 -10.99 -5.54 3.92
C THR A 98 -10.45 -4.27 4.56
N ILE A 99 -9.51 -3.65 3.88
CA ILE A 99 -9.13 -2.27 4.17
C ILE A 99 -10.10 -1.40 3.38
N HIS A 100 -10.99 -0.70 4.10
CA HIS A 100 -12.01 0.08 3.39
C HIS A 100 -11.49 1.38 2.86
N SER A 101 -10.70 2.08 3.67
CA SER A 101 -10.04 3.30 3.21
C SER A 101 -8.82 3.65 4.04
N ILE A 102 -7.89 4.37 3.41
CA ILE A 102 -6.79 5.02 4.09
C ILE A 102 -6.79 6.49 3.62
N ASP A 103 -6.63 7.42 4.55
CA ASP A 103 -6.62 8.85 4.22
C ASP A 103 -5.36 9.47 4.84
N ALA A 104 -4.47 10.01 4.01
CA ALA A 104 -3.21 10.60 4.50
C ALA A 104 -3.44 11.94 5.20
N ASP A 105 -4.51 12.63 4.81
CA ASP A 105 -4.81 13.96 5.33
C ASP A 105 -5.37 13.86 6.74
N THR A 106 -6.34 12.97 6.96
CA THR A 106 -6.86 12.73 8.30
C THR A 106 -6.03 11.70 9.09
N LYS A 107 -5.14 10.98 8.41
CA LYS A 107 -4.33 9.90 9.00
C LYS A 107 -5.15 8.73 9.50
N LEU A 108 -6.40 8.65 9.03
CA LEU A 108 -7.33 7.59 9.45
C LEU A 108 -7.33 6.39 8.50
N VAL A 109 -7.34 5.20 9.09
CA VAL A 109 -7.64 3.99 8.33
C VAL A 109 -8.95 3.39 8.82
N ASP A 110 -9.75 2.92 7.88
CA ASP A 110 -11.01 2.24 8.18
C ASP A 110 -10.89 0.79 7.70
N ILE A 111 -10.81 -0.14 8.65
CA ILE A 111 -10.49 -1.55 8.31
C ILE A 111 -11.33 -2.56 9.08
N ASP A 112 -11.63 -3.68 8.42
CA ASP A 112 -12.25 -4.84 9.06
C ASP A 112 -11.33 -5.35 10.15
N ALA A 113 -11.92 -5.93 11.20
CA ALA A 113 -11.17 -6.42 12.37
C ALA A 113 -10.19 -7.55 12.04
N GLY A 114 -10.41 -8.24 10.93
CA GLY A 114 -9.59 -9.38 10.54
C GLY A 114 -8.35 -8.98 9.76
N VAL A 115 -8.28 -7.72 9.34
CA VAL A 115 -7.07 -7.14 8.77
C VAL A 115 -5.90 -7.33 9.74
N ASN A 116 -4.74 -7.75 9.24
CA ASN A 116 -3.60 -7.92 10.11
C ASN A 116 -2.62 -6.77 9.97
N LEU A 117 -1.74 -6.61 10.97
CA LEU A 117 -0.84 -5.48 11.06
C LEU A 117 0.23 -5.45 9.96
N ASP A 118 0.64 -6.62 9.48
CA ASP A 118 1.58 -6.65 8.35
C ASP A 118 0.92 -6.11 7.08
N GLN A 119 -0.27 -6.61 6.77
CA GLN A 119 -1.15 -6.14 5.66
C GLN A 119 -1.33 -4.61 5.75
N LEU A 120 -1.76 -4.15 6.93
CA LEU A 120 -1.96 -2.72 7.19
C LEU A 120 -0.71 -1.87 6.98
N MET A 121 0.40 -2.29 7.59
CA MET A 121 1.69 -1.61 7.40
C MET A 121 2.03 -1.41 5.93
N LYS A 122 1.88 -2.47 5.15
CA LYS A 122 2.23 -2.43 3.72
C LYS A 122 1.28 -1.53 2.92
N ALA A 123 0.00 -1.57 3.25
CA ALA A 123 -1.00 -0.75 2.55
C ALA A 123 -0.86 0.74 2.88
N ALA A 124 -0.42 1.03 4.11
CA ALA A 124 -0.38 2.42 4.59
C ALA A 124 0.93 3.16 4.29
N LEU A 125 2.03 2.42 4.16
CA LEU A 125 3.32 3.06 3.88
C LEU A 125 3.29 4.05 2.70
N PRO A 126 2.73 3.65 1.53
CA PRO A 126 2.71 4.60 0.39
C PRO A 126 1.97 5.91 0.67
N PHE A 127 1.24 5.99 1.79
CA PHE A 127 0.54 7.21 2.17
C PHE A 127 1.34 8.02 3.18
N GLY A 128 2.54 7.56 3.53
CA GLY A 128 3.32 8.21 4.59
C GLY A 128 2.71 8.04 5.97
N LEU A 129 2.14 6.85 6.20
CA LEU A 129 1.45 6.52 7.45
C LEU A 129 2.06 5.28 8.08
N TRP A 130 2.15 5.31 9.41
CA TRP A 130 2.81 4.26 10.17
C TRP A 130 1.89 3.72 11.22
N VAL A 131 1.82 2.39 11.30
CA VAL A 131 1.04 1.68 12.35
C VAL A 131 1.53 2.17 13.71
N PRO A 132 0.62 2.80 14.50
CA PRO A 132 1.05 3.54 15.70
C PRO A 132 1.63 2.66 16.82
N VAL A 133 1.25 1.38 16.86
CA VAL A 133 1.77 0.40 17.83
C VAL A 133 1.98 -0.94 17.13
N LEU A 134 3.23 -1.39 17.10
CA LEU A 134 3.57 -2.69 16.53
C LEU A 134 4.13 -3.63 17.61
N PRO A 135 3.60 -4.85 17.68
CA PRO A 135 4.14 -5.87 18.57
C PRO A 135 5.34 -6.56 17.91
N GLY A 136 6.03 -7.42 18.65
CA GLY A 136 7.20 -8.15 18.15
C GLY A 136 6.94 -9.16 17.04
N THR A 137 5.67 -9.29 16.63
CA THR A 137 5.28 -10.06 15.45
C THR A 137 4.18 -9.28 14.71
N ARG A 138 4.26 -9.17 13.39
CA ARG A 138 3.21 -8.47 12.63
C ARG A 138 2.02 -9.34 12.25
N GLN A 139 2.07 -10.63 12.57
CA GLN A 139 0.95 -11.52 12.30
C GLN A 139 -0.09 -11.49 13.43
N VAL A 140 -0.73 -10.33 13.60
CA VAL A 140 -1.81 -10.19 14.57
C VAL A 140 -2.91 -9.37 13.91
N THR A 141 -4.17 -9.70 14.19
CA THR A 141 -5.31 -8.97 13.61
C THR A 141 -5.55 -7.66 14.37
N VAL A 142 -6.25 -6.73 13.73
CA VAL A 142 -6.72 -5.51 14.39
C VAL A 142 -7.63 -5.86 15.58
N GLY A 143 -8.53 -6.82 15.41
CA GLY A 143 -9.37 -7.28 16.54
C GLY A 143 -8.54 -7.79 17.72
N GLY A 144 -7.47 -8.51 17.44
CA GLY A 144 -6.58 -9.06 18.49
C GLY A 144 -5.71 -8.00 19.13
N ALA A 145 -5.29 -7.04 18.32
CA ALA A 145 -4.56 -5.87 18.81
C ALA A 145 -5.39 -5.05 19.80
N ILE A 146 -6.69 -4.88 19.49
CA ILE A 146 -7.61 -4.12 20.36
C ILE A 146 -7.96 -4.92 21.62
N ALA A 147 -8.39 -6.17 21.42
CA ALA A 147 -8.85 -7.02 22.52
C ALA A 147 -7.78 -7.34 23.55
N CYS A 148 -6.52 -7.29 23.13
CA CYS A 148 -5.41 -7.46 24.07
C CYS A 148 -4.70 -6.15 24.41
N ASP A 149 -5.16 -5.04 23.82
CA ASP A 149 -4.60 -3.70 24.01
C ASP A 149 -3.07 -3.76 23.91
N ILE A 150 -2.59 -4.27 22.79
CA ILE A 150 -1.19 -4.69 22.64
C ILE A 150 -0.26 -3.50 22.79
N HIS A 151 0.99 -3.80 23.14
CA HIS A 151 2.01 -2.76 23.29
C HIS A 151 3.21 -3.05 22.42
N GLY A 152 4.09 -2.08 22.28
CA GLY A 152 5.30 -2.33 21.51
C GLY A 152 6.47 -1.59 22.08
N LYS A 153 7.52 -1.57 21.27
CA LYS A 153 8.80 -0.96 21.59
C LYS A 153 8.66 0.55 21.86
N ASN A 154 7.57 1.15 21.37
CA ASN A 154 7.27 2.56 21.64
C ASN A 154 6.22 2.84 22.73
N HIS A 155 5.97 1.90 23.63
CA HIS A 155 4.91 2.12 24.62
C HIS A 155 5.11 3.38 25.42
N HIS A 156 6.34 3.64 25.83
CA HIS A 156 6.62 4.80 26.67
C HIS A 156 6.35 6.13 26.01
N SER A 157 6.26 6.17 24.69
CA SER A 157 6.01 7.41 23.96
C SER A 157 4.65 7.43 23.28
N ALA A 158 4.09 6.25 23.00
CA ALA A 158 2.86 6.17 22.18
C ALA A 158 1.67 5.49 22.88
N GLY A 159 1.92 4.93 24.07
CA GLY A 159 0.90 4.12 24.76
C GLY A 159 0.69 2.78 24.04
N SER A 160 -0.45 2.15 24.29
CA SER A 160 -0.78 0.87 23.68
C SER A 160 -1.77 1.05 22.52
N PHE A 161 -2.18 -0.06 21.91
CA PHE A 161 -2.97 -0.01 20.70
C PHE A 161 -4.30 0.72 20.88
N GLY A 162 -4.93 0.49 22.02
CA GLY A 162 -6.23 1.08 22.32
C GLY A 162 -6.22 2.60 22.27
N ASN A 163 -5.08 3.22 22.57
CA ASN A 163 -4.93 4.69 22.57
C ASN A 163 -5.15 5.32 21.20
N HIS A 164 -5.04 4.49 20.15
CA HIS A 164 -5.08 4.98 18.78
C HIS A 164 -6.32 4.62 18.02
N VAL A 165 -7.25 3.93 18.67
CA VAL A 165 -8.53 3.60 18.07
C VAL A 165 -9.49 4.79 18.18
N ARG A 166 -9.97 5.29 17.05
CA ARG A 166 -10.88 6.44 17.09
C ARG A 166 -12.36 6.01 17.06
N SER A 167 -12.63 4.82 16.54
CA SER A 167 -13.94 4.21 16.68
C SER A 167 -13.83 2.72 16.40
N MET A 168 -14.82 1.96 16.85
CA MET A 168 -14.96 0.59 16.44
C MET A 168 -16.44 0.19 16.49
N ASP A 169 -16.81 -0.76 15.65
CA ASP A 169 -18.16 -1.30 15.59
C ASP A 169 -18.21 -2.66 16.27
N LEU A 170 -18.97 -2.74 17.35
CA LEU A 170 -19.02 -3.94 18.17
C LEU A 170 -20.36 -4.66 18.03
N LEU A 171 -20.30 -5.92 17.59
CA LEU A 171 -21.46 -6.80 17.59
C LEU A 171 -21.70 -7.30 19.02
N THR A 172 -22.76 -6.81 19.65
CA THR A 172 -23.05 -7.18 21.05
C THR A 172 -23.93 -8.44 21.15
N ALA A 173 -24.20 -8.88 22.39
CA ALA A 173 -24.99 -10.10 22.64
C ALA A 173 -26.43 -10.01 22.15
N ASP A 174 -27.03 -8.83 22.29
CA ASP A 174 -28.38 -8.54 21.77
C ASP A 174 -28.47 -8.53 20.25
N GLY A 175 -27.35 -8.82 19.58
CA GLY A 175 -27.30 -8.90 18.11
C GLY A 175 -27.18 -7.56 17.39
N GLU A 176 -27.10 -6.47 18.16
CA GLU A 176 -26.93 -5.13 17.60
C GLU A 176 -25.46 -4.82 17.34
N ILE A 177 -25.23 -3.88 16.42
CA ILE A 177 -23.90 -3.35 16.17
C ILE A 177 -23.82 -1.96 16.75
N ARG A 178 -23.00 -1.81 17.79
CA ARG A 178 -22.83 -0.54 18.48
C ARG A 178 -21.55 0.16 18.01
N HIS A 179 -21.70 1.42 17.59
CA HIS A 179 -20.59 2.25 17.16
C HIS A 179 -19.95 2.89 18.37
N LEU A 180 -18.72 2.50 18.68
CA LEU A 180 -18.07 2.96 19.92
C LEU A 180 -16.94 3.93 19.64
N THR A 181 -16.86 4.97 20.45
CA THR A 181 -15.78 5.95 20.37
C THR A 181 -15.18 6.12 21.78
N PRO A 182 -13.89 6.53 21.86
CA PRO A 182 -13.23 6.63 23.17
C PRO A 182 -13.80 7.71 24.11
N THR A 183 -14.43 8.74 23.55
CA THR A 183 -14.97 9.84 24.38
C THR A 183 -16.47 10.08 24.24
N GLY A 184 -17.14 9.30 23.39
CA GLY A 184 -18.56 9.47 23.15
C GLY A 184 -19.47 8.91 24.24
N GLU A 185 -20.72 8.65 23.85
CA GLU A 185 -21.75 8.18 24.76
C GLU A 185 -21.48 6.75 25.24
N ASP A 186 -20.84 5.96 24.40
CA ASP A 186 -20.52 4.58 24.73
C ASP A 186 -19.05 4.39 25.14
N ALA A 187 -18.45 5.43 25.72
CA ALA A 187 -17.05 5.40 26.14
C ALA A 187 -16.73 4.25 27.09
N GLU A 188 -17.67 3.94 27.99
CA GLU A 188 -17.47 2.91 29.01
C GLU A 188 -17.31 1.55 28.35
N LEU A 189 -18.18 1.25 27.40
CA LEU A 189 -18.10 0.01 26.65
C LEU A 189 -16.88 -0.01 25.73
N PHE A 190 -16.55 1.13 25.14
CA PHE A 190 -15.34 1.24 24.32
C PHE A 190 -14.13 0.76 25.15
N TRP A 191 -13.99 1.32 26.34
CA TRP A 191 -12.81 1.08 27.16
C TRP A 191 -12.81 -0.24 27.90
N ALA A 192 -13.97 -0.89 27.96
CA ALA A 192 -14.06 -2.27 28.44
C ALA A 192 -13.72 -3.26 27.33
N THR A 193 -13.96 -2.88 26.09
CA THR A 193 -13.65 -3.71 24.92
C THR A 193 -12.14 -3.72 24.67
N VAL A 194 -11.52 -2.54 24.78
CA VAL A 194 -10.06 -2.43 24.76
C VAL A 194 -9.52 -3.31 25.89
N GLY A 195 -8.75 -4.33 25.55
CA GLY A 195 -8.18 -5.20 26.58
C GLY A 195 -9.19 -6.22 27.13
N GLY A 196 -10.39 -6.23 26.55
CA GLY A 196 -11.50 -7.10 27.04
C GLY A 196 -11.45 -8.55 26.58
N ASN A 197 -10.42 -8.90 25.82
CA ASN A 197 -10.20 -10.30 25.39
C ASN A 197 -11.43 -10.92 24.69
N GLY A 198 -12.07 -10.13 23.84
CA GLY A 198 -13.29 -10.54 23.13
C GLY A 198 -14.56 -10.72 23.96
N LEU A 199 -14.55 -10.33 25.24
CA LEU A 199 -15.67 -10.66 26.15
C LEU A 199 -16.80 -9.64 26.23
N THR A 200 -16.76 -8.63 25.37
CA THR A 200 -17.84 -7.65 25.25
C THR A 200 -18.61 -7.83 23.94
N GLY A 201 -18.14 -8.73 23.10
CA GLY A 201 -18.70 -8.89 21.77
C GLY A 201 -17.63 -8.99 20.68
N ILE A 202 -18.08 -8.96 19.43
CA ILE A 202 -17.17 -9.16 18.32
C ILE A 202 -16.93 -7.81 17.66
N ILE A 203 -15.66 -7.41 17.61
CA ILE A 203 -15.25 -6.19 16.92
C ILE A 203 -15.30 -6.53 15.44
N MET A 204 -16.11 -5.80 14.70
CA MET A 204 -16.31 -6.06 13.29
C MET A 204 -15.38 -5.19 12.46
N ARG A 205 -15.17 -3.96 12.94
CA ARG A 205 -14.57 -2.92 12.12
C ARG A 205 -14.10 -1.81 13.04
N ALA A 206 -13.04 -1.11 12.63
CA ALA A 206 -12.47 -0.03 13.43
C ALA A 206 -11.82 1.07 12.58
N THR A 207 -11.72 2.27 13.16
CA THR A 207 -10.95 3.35 12.58
C THR A 207 -9.76 3.61 13.49
N ILE A 208 -8.56 3.55 12.92
CA ILE A 208 -7.33 3.77 13.66
C ILE A 208 -6.67 5.06 13.15
N GLU A 209 -6.17 5.87 14.08
CA GLU A 209 -5.35 7.02 13.71
C GLU A 209 -3.89 6.60 13.60
N MET A 210 -3.32 6.81 12.43
CA MET A 210 -1.98 6.34 12.13
C MET A 210 -0.98 7.41 12.54
N THR A 211 0.27 7.03 12.65
CA THR A 211 1.34 8.00 12.88
C THR A 211 1.91 8.46 11.55
N PRO A 212 1.99 9.79 11.31
CA PRO A 212 2.60 10.20 10.04
C PRO A 212 4.09 9.85 10.05
N THR A 213 4.64 9.54 8.88
CA THR A 213 6.06 9.27 8.72
C THR A 213 6.50 9.64 7.31
N SER A 214 7.76 10.05 7.15
CA SER A 214 8.29 10.33 5.82
C SER A 214 9.17 9.20 5.27
N THR A 215 9.51 8.23 6.12
CA THR A 215 10.32 7.07 5.71
C THR A 215 9.89 5.78 6.40
N ALA A 216 10.33 4.64 5.85
CA ALA A 216 10.15 3.33 6.48
C ALA A 216 11.37 2.90 7.30
N TYR A 217 12.22 3.85 7.69
CA TYR A 217 13.46 3.55 8.38
C TYR A 217 13.56 4.14 9.78
N PHE A 218 14.45 3.56 10.59
CA PHE A 218 14.77 4.08 11.91
C PHE A 218 16.22 4.58 11.97
N ILE A 219 16.43 5.61 12.79
CA ILE A 219 17.75 6.00 13.26
C ILE A 219 17.94 5.43 14.67
N ALA A 220 18.92 4.55 14.85
CA ALA A 220 19.05 3.81 16.10
C ALA A 220 20.37 4.04 16.84
N ASP A 221 20.31 4.04 18.18
CA ASP A 221 21.49 4.04 19.04
C ASP A 221 21.48 2.75 19.82
N GLY A 222 22.64 2.10 19.90
CA GLY A 222 22.77 0.84 20.62
C GLY A 222 23.69 1.01 21.81
N ASP A 223 23.33 0.36 22.91
CA ASP A 223 24.15 0.31 24.10
C ASP A 223 24.16 -1.08 24.70
N VAL A 224 25.28 -1.42 25.31
CA VAL A 224 25.47 -2.70 25.96
C VAL A 224 25.87 -2.43 27.40
N THR A 225 25.14 -3.02 28.34
CA THR A 225 25.40 -2.85 29.77
C THR A 225 26.02 -4.13 30.29
N ALA A 226 26.68 -4.03 31.44
CA ALA A 226 27.46 -5.14 31.98
C ALA A 226 26.73 -5.90 33.09
N SER A 227 25.68 -5.29 33.66
CA SER A 227 24.97 -5.84 34.81
C SER A 227 23.51 -5.36 34.88
N LEU A 228 22.72 -6.03 35.72
CA LEU A 228 21.36 -5.57 36.01
C LEU A 228 21.33 -4.12 36.47
N ASP A 229 22.25 -3.76 37.37
CA ASP A 229 22.34 -2.38 37.91
C ASP A 229 22.59 -1.35 36.81
N GLU A 230 23.46 -1.68 35.85
CA GLU A 230 23.73 -0.76 34.76
C GLU A 230 22.48 -0.61 33.86
N THR A 231 21.81 -1.73 33.62
CA THR A 231 20.61 -1.76 32.79
C THR A 231 19.55 -0.81 33.36
N ILE A 232 19.28 -0.95 34.65
CA ILE A 232 18.33 -0.07 35.33
C ILE A 232 18.74 1.40 35.28
N ALA A 233 20.01 1.70 35.55
CA ALA A 233 20.50 3.07 35.53
C ALA A 233 20.31 3.72 34.17
N LEU A 234 20.62 2.98 33.10
CA LEU A 234 20.46 3.49 31.74
C LEU A 234 19.01 3.85 31.44
N HIS A 235 18.07 3.09 32.01
CA HIS A 235 16.65 3.36 31.79
C HIS A 235 16.09 4.44 32.68
N SER A 236 16.86 4.79 33.72
CA SER A 236 16.40 5.75 34.73
C SER A 236 17.09 7.09 34.64
N ASP A 237 18.11 7.20 33.78
CA ASP A 237 18.93 8.40 33.72
C ASP A 237 18.36 9.52 32.86
N GLY A 238 17.13 9.36 32.37
CA GLY A 238 16.48 10.39 31.56
C GLY A 238 16.67 10.22 30.06
N SER A 239 17.54 9.30 29.65
CA SER A 239 17.79 9.07 28.21
C SER A 239 16.59 8.52 27.43
N GLU A 240 15.66 7.87 28.12
CA GLU A 240 14.46 7.31 27.48
C GLU A 240 13.61 8.36 26.77
N ALA A 241 13.57 9.57 27.33
CA ALA A 241 12.80 10.68 26.77
C ALA A 241 13.30 11.16 25.39
N ARG A 242 14.52 10.79 25.03
CA ARG A 242 15.10 11.13 23.72
C ARG A 242 14.76 10.13 22.61
N TYR A 243 14.16 9.01 22.95
CA TYR A 243 13.81 8.00 21.95
C TYR A 243 12.33 7.63 22.01
N THR A 244 11.70 7.56 20.83
CA THR A 244 10.31 7.10 20.76
C THR A 244 10.21 5.60 20.93
N TYR A 245 11.25 4.88 20.50
CA TYR A 245 11.26 3.42 20.53
C TYR A 245 12.41 2.94 21.38
N SER A 246 12.16 1.92 22.20
CA SER A 246 13.17 1.41 23.11
C SER A 246 12.83 0.04 23.68
N SER A 247 13.77 -0.89 23.58
CA SER A 247 13.63 -2.23 24.17
C SER A 247 15.01 -2.89 24.32
N ALA A 248 15.09 -3.93 25.14
CA ALA A 248 16.36 -4.63 25.39
C ALA A 248 16.22 -6.14 25.49
N TRP A 249 17.31 -6.85 25.19
CA TRP A 249 17.47 -8.22 25.61
C TRP A 249 18.28 -8.16 26.87
N PHE A 250 17.97 -9.04 27.83
CA PHE A 250 18.79 -9.13 29.05
C PHE A 250 19.16 -10.57 29.39
N ASP A 251 20.25 -10.73 30.15
CA ASP A 251 20.75 -12.03 30.59
C ASP A 251 19.98 -12.48 31.82
N ALA A 252 19.29 -13.61 31.72
CA ALA A 252 18.48 -14.13 32.82
C ALA A 252 19.10 -15.38 33.45
N ILE A 253 20.22 -15.85 32.87
CA ILE A 253 20.87 -17.10 33.30
C ILE A 253 22.14 -16.91 34.13
N SER A 254 22.99 -15.96 33.72
CA SER A 254 24.27 -15.75 34.39
C SER A 254 24.09 -15.26 35.82
N ALA A 255 24.93 -15.75 36.73
CA ALA A 255 24.94 -15.30 38.12
C ALA A 255 25.33 -13.82 38.17
N PRO A 256 24.91 -13.08 39.22
CA PRO A 256 25.41 -11.71 39.36
C PRO A 256 26.95 -11.74 39.40
N PRO A 257 27.63 -10.69 38.89
CA PRO A 257 27.11 -9.41 38.38
C PRO A 257 26.59 -9.42 36.94
N LYS A 258 26.86 -10.48 36.18
CA LYS A 258 26.44 -10.56 34.80
C LYS A 258 24.91 -10.67 34.62
N LEU A 259 24.23 -11.21 35.63
CA LEU A 259 22.76 -11.22 35.65
C LEU A 259 22.20 -9.84 35.29
N GLY A 260 21.32 -9.80 34.30
CA GLY A 260 20.62 -8.56 33.97
C GLY A 260 21.39 -7.59 33.07
N ARG A 261 22.57 -8.01 32.61
CA ARG A 261 23.28 -7.25 31.57
C ARG A 261 22.45 -7.29 30.29
N ALA A 262 22.50 -6.23 29.51
CA ALA A 262 21.56 -6.08 28.40
C ALA A 262 22.18 -5.59 27.11
N ALA A 263 21.59 -5.98 25.98
CA ALA A 263 21.79 -5.29 24.71
C ALA A 263 20.56 -4.40 24.48
N VAL A 264 20.74 -3.09 24.51
CA VAL A 264 19.66 -2.10 24.36
C VAL A 264 19.63 -1.50 22.95
N SER A 265 18.45 -1.48 22.34
CA SER A 265 18.23 -0.90 21.02
C SER A 265 17.24 0.25 21.16
N ARG A 266 17.66 1.47 20.84
CA ARG A 266 16.77 2.63 20.96
C ARG A 266 16.80 3.48 19.71
N GLY A 267 15.67 4.07 19.34
CA GLY A 267 15.62 4.83 18.11
C GLY A 267 14.35 5.64 17.94
N ARG A 268 14.21 6.16 16.72
CA ARG A 268 13.05 6.93 16.30
C ARG A 268 12.96 6.76 14.80
N LEU A 269 11.78 6.97 14.23
CA LEU A 269 11.63 6.92 12.76
C LEU A 269 12.52 7.99 12.15
N ALA A 270 13.18 7.65 11.05
CA ALA A 270 14.06 8.57 10.32
C ALA A 270 13.24 9.48 9.42
N THR A 271 13.75 10.69 9.20
CA THR A 271 13.24 11.59 8.16
C THR A 271 14.06 11.39 6.88
N VAL A 272 13.51 11.83 5.76
CA VAL A 272 14.07 11.59 4.43
C VAL A 272 15.55 12.02 4.31
N GLU A 273 15.88 13.20 4.82
CA GLU A 273 17.25 13.73 4.72
C GLU A 273 18.27 12.92 5.52
N GLN A 274 17.82 12.31 6.62
CA GLN A 274 18.69 11.45 7.43
C GLN A 274 19.09 10.16 6.73
N LEU A 275 18.36 9.80 5.67
CA LEU A 275 18.70 8.64 4.86
C LEU A 275 19.94 8.91 3.99
N PRO A 276 20.74 7.87 3.74
CA PRO A 276 21.80 8.02 2.74
C PRO A 276 21.21 8.07 1.34
N ALA A 277 21.80 8.90 0.47
CA ALA A 277 21.36 9.11 -0.92
C ALA A 277 20.83 7.86 -1.62
N LYS A 278 21.51 6.74 -1.40
CA LYS A 278 21.15 5.43 -1.95
C LYS A 278 19.68 5.08 -1.72
N LEU A 279 19.14 5.49 -0.58
CA LEU A 279 17.80 5.10 -0.13
C LEU A 279 16.77 6.23 -0.19
N ARG A 280 17.22 7.45 -0.46
CA ARG A 280 16.34 8.61 -0.57
C ARG A 280 15.33 8.56 -1.71
N SER A 281 15.63 7.80 -2.76
CA SER A 281 14.75 7.68 -3.93
C SER A 281 13.42 7.00 -3.57
N GLU A 282 13.49 5.94 -2.76
CA GLU A 282 12.29 5.25 -2.29
C GLU A 282 12.26 5.26 -0.75
N PRO A 283 11.94 6.41 -0.15
CA PRO A 283 12.07 6.51 1.32
C PRO A 283 11.07 5.67 2.09
N LEU A 284 9.92 5.38 1.48
CA LEU A 284 8.82 4.66 2.13
C LEU A 284 8.73 3.18 1.79
N LYS A 285 9.71 2.67 1.05
CA LYS A 285 9.71 1.27 0.63
C LYS A 285 10.04 0.32 1.76
N PHE A 286 9.34 -0.82 1.80
CA PHE A 286 9.78 -1.95 2.58
C PHE A 286 10.34 -3.03 1.66
N ASP A 287 11.49 -3.57 2.03
CA ASP A 287 12.23 -4.53 1.19
C ASP A 287 11.96 -5.98 1.57
N THR A 293 19.17 -16.14 5.75
CA THR A 293 19.42 -15.91 7.18
C THR A 293 20.72 -16.61 7.64
N LEU A 294 21.11 -16.38 8.89
CA LEU A 294 22.40 -16.85 9.42
C LEU A 294 22.63 -18.38 9.56
N PRO A 295 21.57 -19.17 9.88
CA PRO A 295 21.76 -20.63 9.89
C PRO A 295 22.12 -21.24 8.53
N ASP A 296 21.77 -20.56 7.45
CA ASP A 296 22.11 -20.99 6.09
C ASP A 296 23.57 -20.66 5.76
N VAL A 297 24.09 -19.59 6.36
CA VAL A 297 25.48 -19.17 6.16
C VAL A 297 26.42 -19.92 7.12
N PHE A 298 26.07 -19.96 8.41
CA PHE A 298 26.87 -20.65 9.42
C PHE A 298 26.09 -21.78 10.10
N PRO A 299 26.15 -23.00 9.50
CA PRO A 299 25.45 -24.17 10.05
C PRO A 299 26.13 -24.76 11.28
N ASN A 300 27.39 -24.39 11.50
CA ASN A 300 28.18 -24.84 12.65
C ASN A 300 27.82 -24.13 13.96
N GLY A 301 27.11 -23.00 13.84
CA GLY A 301 26.81 -22.14 14.98
C GLY A 301 27.61 -20.85 14.88
N LEU A 302 27.45 -19.98 15.88
CA LEU A 302 28.17 -18.70 15.90
C LEU A 302 29.35 -18.70 16.87
N ALA A 303 29.46 -19.74 17.70
CA ALA A 303 30.47 -19.79 18.76
C ALA A 303 31.84 -20.20 18.24
N ASN A 304 32.87 -19.52 18.72
CA ASN A 304 34.26 -19.90 18.45
C ASN A 304 35.04 -19.95 19.78
N LYS A 305 36.36 -20.13 19.73
CA LYS A 305 37.16 -20.24 20.95
C LYS A 305 37.24 -18.93 21.76
N TYR A 306 36.86 -17.82 21.13
CA TYR A 306 36.92 -16.48 21.74
C TYR A 306 35.61 -16.07 22.39
N THR A 307 34.52 -16.72 22.01
CA THR A 307 33.16 -16.25 22.29
C THR A 307 32.89 -15.91 23.76
N PHE A 308 33.35 -16.74 24.68
CA PHE A 308 32.99 -16.59 26.10
C PHE A 308 34.09 -15.96 26.97
N GLY A 309 35.22 -15.63 26.34
CA GLY A 309 36.31 -14.98 27.08
C GLY A 309 36.34 -13.48 26.82
N PRO A 310 37.38 -12.81 27.32
CA PRO A 310 37.52 -11.36 27.24
C PRO A 310 37.44 -10.71 25.85
N ILE A 311 37.90 -11.41 24.82
CA ILE A 311 37.85 -10.87 23.44
C ILE A 311 36.41 -10.93 22.93
N GLY A 312 35.70 -12.01 23.29
CA GLY A 312 34.27 -12.14 23.01
C GLY A 312 33.47 -11.02 23.65
N GLU A 313 33.70 -10.78 24.94
CA GLU A 313 33.03 -9.70 25.67
C GLU A 313 33.24 -8.36 24.97
N LEU A 314 34.49 -8.12 24.56
CA LEU A 314 34.87 -6.90 23.86
C LEU A 314 34.15 -6.77 22.50
N TRP A 315 34.03 -7.89 21.80
CA TRP A 315 33.35 -7.92 20.51
C TRP A 315 31.89 -7.61 20.65
N TYR A 316 31.22 -8.32 21.56
CA TYR A 316 29.80 -8.09 21.78
C TYR A 316 29.52 -6.64 22.19
N ARG A 317 30.30 -6.12 23.13
CA ARG A 317 30.20 -4.73 23.56
C ARG A 317 30.31 -3.73 22.39
N LYS A 318 31.32 -3.91 21.55
CA LYS A 318 31.52 -3.00 20.41
C LYS A 318 30.43 -3.20 19.34
N SER A 319 30.09 -4.44 19.04
CA SER A 319 29.01 -4.75 18.09
C SER A 319 27.67 -4.10 18.53
N GLY A 320 27.37 -4.18 19.82
CA GLY A 320 26.10 -3.63 20.32
C GLY A 320 26.15 -2.17 20.70
N THR A 321 27.28 -1.50 20.46
CA THR A 321 27.41 -0.06 20.78
C THR A 321 27.58 0.77 19.51
N TYR A 322 26.61 1.65 19.25
CA TYR A 322 26.63 2.48 18.04
C TYR A 322 25.73 3.71 18.18
N ARG A 323 25.92 4.68 17.28
CA ARG A 323 25.10 5.88 17.26
C ARG A 323 24.65 6.20 15.84
N GLY A 324 23.37 6.57 15.70
CA GLY A 324 22.82 7.00 14.41
C GLY A 324 22.78 6.00 13.27
N LYS A 325 22.66 4.72 13.58
CA LYS A 325 22.60 3.70 12.54
C LYS A 325 21.21 3.69 11.89
N VAL A 326 21.18 3.79 10.57
CA VAL A 326 19.94 3.70 9.81
C VAL A 326 19.54 2.23 9.66
N GLN A 327 18.33 1.90 10.10
CA GLN A 327 17.84 0.53 10.06
C GLN A 327 16.45 0.43 9.45
N ASN A 328 16.19 -0.63 8.69
CA ASN A 328 14.84 -0.92 8.24
C ASN A 328 14.08 -1.60 9.37
N LEU A 329 12.86 -2.06 9.09
CA LEU A 329 12.02 -2.66 10.11
C LEU A 329 12.59 -3.96 10.67
N THR A 330 13.03 -4.87 9.79
CA THR A 330 13.60 -6.14 10.24
C THR A 330 14.77 -5.92 11.18
N GLN A 331 15.69 -5.03 10.78
CA GLN A 331 16.90 -4.72 11.55
C GLN A 331 16.63 -4.13 12.94
N PHE A 332 15.78 -3.09 12.97
CA PHE A 332 15.48 -2.41 14.20
C PHE A 332 14.48 -3.16 15.08
N TYR A 333 13.50 -3.82 14.44
CA TYR A 333 12.29 -4.27 15.13
C TYR A 333 12.10 -5.78 15.23
N HIS A 334 12.66 -6.52 14.27
CA HIS A 334 12.59 -7.99 14.33
C HIS A 334 13.95 -8.63 14.28
N PRO A 335 14.83 -8.32 15.27
CA PRO A 335 16.20 -8.86 15.24
C PRO A 335 16.24 -10.37 15.53
N LEU A 336 15.07 -10.95 15.81
CA LEU A 336 14.89 -12.38 15.97
C LEU A 336 14.96 -13.10 14.62
N ASP A 337 14.59 -12.38 13.56
CA ASP A 337 14.43 -12.96 12.22
C ASP A 337 15.69 -13.57 11.59
N MET A 338 16.85 -12.95 11.81
CA MET A 338 18.11 -13.41 11.24
C MET A 338 18.61 -14.76 11.78
N PHE A 339 18.07 -15.19 12.92
CA PHE A 339 18.49 -16.45 13.56
C PHE A 339 17.76 -17.71 13.05
N GLY A 340 16.93 -17.54 12.01
CA GLY A 340 16.27 -18.65 11.31
C GLY A 340 15.70 -19.76 12.16
N GLU A 341 16.19 -20.97 11.94
CA GLU A 341 15.70 -22.18 12.64
C GLU A 341 15.98 -22.19 14.15
N TRP A 342 17.00 -21.44 14.58
CA TRP A 342 17.34 -21.34 16.00
C TRP A 342 16.37 -20.48 16.75
N ALA A 345 13.06 -23.18 16.90
CA ALA A 345 13.21 -24.37 17.71
C ALA A 345 13.12 -24.08 19.22
N TYR A 346 13.07 -22.79 19.58
CA TYR A 346 12.98 -22.38 21.00
C TYR A 346 11.66 -21.63 21.31
N GLY A 347 10.73 -21.68 20.37
CA GLY A 347 9.45 -21.00 20.50
C GLY A 347 8.19 -21.85 20.31
N PRO A 348 8.31 -23.07 19.74
CA PRO A 348 7.10 -23.91 19.58
C PRO A 348 6.61 -24.53 20.91
N ALA A 349 6.43 -25.85 20.93
CA ALA A 349 6.00 -26.57 22.13
C ALA A 349 7.14 -26.70 23.15
N GLY A 350 6.82 -27.17 24.35
CA GLY A 350 7.80 -27.39 25.40
C GLY A 350 8.44 -26.13 25.96
N PHE A 351 7.79 -24.98 25.76
CA PHE A 351 8.24 -23.71 26.34
C PHE A 351 7.08 -22.98 26.99
N LEU A 352 7.35 -22.34 28.13
CA LEU A 352 6.33 -21.54 28.79
C LEU A 352 6.73 -20.06 28.76
N GLN A 353 5.91 -19.26 28.06
CA GLN A 353 6.12 -17.82 27.96
C GLN A 353 5.54 -17.14 29.19
N TYR A 354 6.34 -16.28 29.82
CA TYR A 354 5.92 -15.59 31.03
C TYR A 354 6.25 -14.12 30.91
N GLN A 355 5.24 -13.25 31.07
CA GLN A 355 5.44 -11.81 30.94
C GLN A 355 4.77 -11.07 32.10
N PHE A 356 5.51 -10.15 32.71
CA PHE A 356 4.96 -9.38 33.82
C PHE A 356 5.48 -7.97 33.77
N VAL A 357 4.77 -7.05 34.42
CA VAL A 357 5.26 -5.69 34.62
C VAL A 357 5.28 -5.37 36.12
N ILE A 358 6.34 -4.69 36.58
CA ILE A 358 6.42 -4.22 37.97
C ILE A 358 6.42 -2.70 37.96
N PRO A 359 5.60 -2.05 38.81
CA PRO A 359 5.52 -0.58 38.80
C PRO A 359 6.91 0.06 38.96
N THR A 360 7.10 1.21 38.31
CA THR A 360 8.43 1.85 38.21
C THR A 360 9.16 1.99 39.54
N GLU A 361 8.48 2.55 40.54
CA GLU A 361 9.06 2.84 41.87
C GLU A 361 9.59 1.61 42.60
N ALA A 362 9.09 0.43 42.24
CA ALA A 362 9.46 -0.81 42.93
C ALA A 362 10.73 -1.44 42.34
N VAL A 363 11.78 -0.63 42.30
CA VAL A 363 13.06 -1.04 41.70
C VAL A 363 13.73 -2.18 42.47
N ASP A 364 13.73 -2.10 43.80
CA ASP A 364 14.32 -3.16 44.65
C ASP A 364 13.61 -4.49 44.51
N GLU A 365 12.30 -4.41 44.47
CA GLU A 365 11.40 -5.54 44.26
C GLU A 365 11.64 -6.15 42.88
N PHE A 366 11.70 -5.30 41.86
CA PHE A 366 12.03 -5.73 40.50
C PHE A 366 13.34 -6.52 40.46
N LYS A 367 14.39 -5.96 41.04
CA LYS A 367 15.69 -6.61 41.11
C LYS A 367 15.61 -7.96 41.81
N LYS A 368 14.87 -8.00 42.92
CA LYS A 368 14.64 -9.23 43.66
C LYS A 368 14.03 -10.30 42.76
N ILE A 369 12.97 -9.94 42.02
CA ILE A 369 12.31 -10.92 41.15
C ILE A 369 13.25 -11.46 40.06
N ILE A 370 14.10 -10.60 39.50
CA ILE A 370 15.09 -11.03 38.51
C ILE A 370 16.08 -12.03 39.13
N GLY A 371 16.53 -11.77 40.35
CA GLY A 371 17.39 -12.71 41.09
C GLY A 371 16.71 -14.05 41.37
N VAL A 372 15.43 -14.01 41.73
CA VAL A 372 14.65 -15.23 41.95
C VAL A 372 14.67 -16.12 40.69
N ILE A 373 14.48 -15.50 39.53
CA ILE A 373 14.47 -16.23 38.25
C ILE A 373 15.82 -16.91 38.00
N GLN A 374 16.91 -16.17 38.23
CA GLN A 374 18.25 -16.66 37.94
C GLN A 374 18.61 -17.88 38.78
N ALA A 375 18.23 -17.84 40.05
CA ALA A 375 18.56 -18.92 41.01
C ALA A 375 17.60 -20.09 40.96
N SER A 376 16.59 -20.02 40.09
CA SER A 376 15.52 -21.02 40.11
C SER A 376 15.94 -22.37 39.51
N GLY A 377 16.97 -22.34 38.66
CA GLY A 377 17.37 -23.53 37.92
C GLY A 377 16.57 -23.70 36.65
N HIS A 378 15.73 -22.70 36.34
CA HIS A 378 15.05 -22.60 35.05
C HIS A 378 15.70 -21.54 34.22
N TYR A 379 16.11 -21.90 33.00
CA TYR A 379 16.96 -21.04 32.15
C TYR A 379 16.24 -20.50 30.92
N SER A 380 16.17 -19.18 30.83
CA SER A 380 15.57 -18.53 29.68
C SER A 380 16.63 -17.72 28.94
N PHE A 381 16.64 -17.86 27.62
CA PHE A 381 17.56 -17.14 26.75
C PHE A 381 16.85 -15.99 26.02
N LEU A 382 15.58 -16.17 25.70
CA LEU A 382 14.85 -15.15 24.96
C LEU A 382 14.17 -14.19 25.91
N ASN A 383 14.89 -13.13 26.27
CA ASN A 383 14.45 -12.23 27.32
C ASN A 383 14.22 -10.80 26.84
N VAL A 384 13.04 -10.28 27.13
CA VAL A 384 12.66 -8.92 26.76
C VAL A 384 12.65 -8.04 28.00
N PHE A 385 13.22 -6.85 27.87
CA PHE A 385 13.22 -5.86 28.92
C PHE A 385 12.76 -4.55 28.28
N LYS A 386 11.82 -3.88 28.92
CA LYS A 386 11.31 -2.60 28.40
C LYS A 386 10.67 -1.80 29.54
N LEU A 387 10.95 -0.50 29.58
CA LEU A 387 10.27 0.40 30.53
C LEU A 387 9.00 0.98 29.90
N PHE A 388 7.85 0.58 30.44
CA PHE A 388 6.55 1.10 29.98
C PHE A 388 6.36 2.53 30.45
N GLY A 389 5.61 3.31 29.69
CA GLY A 389 5.20 4.66 30.12
C GLY A 389 3.79 4.64 30.71
N PRO A 390 3.10 5.80 30.73
CA PRO A 390 1.75 5.94 31.27
C PRO A 390 0.72 4.91 30.76
N ARG A 391 -0.16 4.47 31.66
CA ARG A 391 -1.24 3.53 31.30
C ARG A 391 -2.41 4.28 30.68
N ASN A 392 -3.40 3.55 30.17
CA ASN A 392 -4.62 4.16 29.67
C ASN A 392 -5.81 3.83 30.60
N GLN A 393 -7.00 4.24 30.17
CA GLN A 393 -8.16 4.15 31.04
C GLN A 393 -8.90 2.81 30.96
N ALA A 394 -8.43 1.87 30.13
CA ALA A 394 -9.08 0.56 30.04
C ALA A 394 -8.87 -0.23 31.34
N PRO A 395 -9.97 -0.65 31.99
CA PRO A 395 -9.77 -1.26 33.31
C PRO A 395 -8.98 -2.57 33.31
N LEU A 396 -9.03 -3.33 32.22
CA LEU A 396 -8.28 -4.57 32.10
C LEU A 396 -6.99 -4.44 31.28
N SER A 397 -6.62 -3.21 30.91
CA SER A 397 -5.37 -3.02 30.14
C SER A 397 -4.17 -3.55 30.95
N PHE A 398 -3.30 -4.32 30.29
CA PHE A 398 -2.11 -4.86 30.94
C PHE A 398 -1.01 -3.83 31.30
N PRO A 399 -0.59 -2.98 30.34
CA PRO A 399 0.57 -2.10 30.65
C PRO A 399 0.29 -1.06 31.74
N ILE A 400 1.23 -0.93 32.68
CA ILE A 400 1.27 0.17 33.65
C ILE A 400 2.72 0.72 33.62
N PRO A 401 2.93 2.00 33.98
CA PRO A 401 4.33 2.45 33.96
C PRO A 401 5.21 1.58 34.87
N GLY A 402 6.32 1.08 34.33
CA GLY A 402 7.17 0.18 35.08
C GLY A 402 7.97 -0.79 34.24
N TRP A 403 8.66 -1.69 34.93
CA TRP A 403 9.58 -2.66 34.35
C TRP A 403 8.89 -3.87 33.77
N ASN A 404 8.84 -3.94 32.45
CA ASN A 404 8.23 -5.06 31.72
C ASN A 404 9.27 -6.10 31.33
N ILE A 405 8.94 -7.36 31.59
CA ILE A 405 9.85 -8.49 31.35
C ILE A 405 9.10 -9.62 30.65
N CYS A 406 9.71 -10.18 29.60
CA CYS A 406 9.28 -11.49 29.09
C CYS A 406 10.40 -12.50 29.19
N VAL A 407 10.05 -13.71 29.59
CA VAL A 407 10.99 -14.81 29.69
C VAL A 407 10.33 -16.03 29.05
N ASP A 408 11.13 -17.00 28.65
CA ASP A 408 10.62 -18.18 27.97
C ASP A 408 11.30 -19.40 28.55
N PHE A 409 10.57 -20.15 29.38
CA PHE A 409 11.14 -21.27 30.09
C PHE A 409 10.85 -22.59 29.41
N PRO A 410 11.89 -23.42 29.22
CA PRO A 410 11.68 -24.81 28.79
C PRO A 410 10.75 -25.53 29.78
N ILE A 411 9.77 -26.27 29.29
CA ILE A 411 8.90 -27.02 30.18
C ILE A 411 9.67 -28.22 30.74
N LYS A 412 9.81 -28.25 32.06
CA LYS A 412 10.50 -29.31 32.79
C LYS A 412 10.02 -29.35 34.25
N ASP A 413 10.32 -30.45 34.94
CA ASP A 413 9.88 -30.65 36.32
C ASP A 413 10.13 -29.44 37.23
N GLY A 414 9.11 -29.05 38.00
CA GLY A 414 9.26 -27.95 38.94
C GLY A 414 8.76 -26.61 38.41
N LEU A 415 8.56 -26.51 37.10
CA LEU A 415 8.22 -25.23 36.46
C LEU A 415 6.85 -24.68 36.85
N GLY A 416 5.83 -25.53 36.82
CA GLY A 416 4.48 -25.12 37.20
C GLY A 416 4.44 -24.50 38.59
N LYS A 417 5.08 -25.16 39.55
CA LYS A 417 5.06 -24.66 40.93
C LYS A 417 5.92 -23.42 41.13
N PHE A 418 6.98 -23.31 40.34
CA PHE A 418 7.85 -22.13 40.41
C PHE A 418 7.16 -20.87 39.85
N VAL A 419 6.53 -20.98 38.68
CA VAL A 419 5.86 -19.80 38.11
C VAL A 419 4.68 -19.37 38.99
N SER A 420 4.13 -20.31 39.74
CA SER A 420 3.11 -19.96 40.73
C SER A 420 3.70 -19.08 41.82
N GLU A 421 4.94 -19.37 42.20
CA GLU A 421 5.65 -18.54 43.17
C GLU A 421 5.97 -17.17 42.57
N LEU A 422 6.37 -17.16 41.30
CA LEU A 422 6.56 -15.92 40.58
C LEU A 422 5.28 -15.07 40.58
N ASP A 423 4.13 -15.69 40.32
CA ASP A 423 2.83 -14.99 40.33
C ASP A 423 2.67 -14.26 41.66
N ARG A 424 3.01 -14.95 42.75
CA ARG A 424 2.88 -14.43 44.11
C ARG A 424 3.72 -13.18 44.32
N ARG A 425 4.96 -13.24 43.85
CA ARG A 425 5.86 -12.10 43.95
C ARG A 425 5.45 -10.96 43.02
N VAL A 426 5.04 -11.28 41.79
CA VAL A 426 4.54 -10.25 40.87
C VAL A 426 3.38 -9.50 41.54
N LEU A 427 2.42 -10.28 42.06
CA LEU A 427 1.25 -9.72 42.74
C LEU A 427 1.68 -8.84 43.92
N GLU A 428 2.50 -9.36 44.81
CA GLU A 428 2.83 -8.60 46.02
C GLU A 428 3.65 -7.35 45.70
N PHE A 429 4.32 -7.33 44.56
CA PHE A 429 5.07 -6.15 44.15
C PHE A 429 4.28 -5.20 43.26
N GLY A 430 2.94 -5.32 43.29
CA GLY A 430 2.07 -4.39 42.61
C GLY A 430 1.94 -4.57 41.10
N GLY A 431 2.50 -5.64 40.55
CA GLY A 431 2.54 -5.84 39.11
C GLY A 431 1.43 -6.77 38.66
N ARG A 432 1.49 -7.20 37.40
CA ARG A 432 0.47 -8.10 36.83
C ARG A 432 1.04 -8.95 35.69
N LEU A 433 0.30 -10.01 35.35
CA LEU A 433 0.55 -10.80 34.15
C LEU A 433 -0.34 -10.31 33.01
N TYR A 434 -0.03 -10.77 31.81
CA TYR A 434 -0.67 -10.38 30.55
C TYR A 434 -1.52 -11.54 30.05
N THR A 435 -2.81 -11.28 29.76
CA THR A 435 -3.70 -12.35 29.27
C THR A 435 -3.22 -12.94 27.95
N ALA A 436 -2.57 -12.13 27.12
CA ALA A 436 -2.08 -12.63 25.81
C ALA A 436 -0.98 -13.68 25.94
N LYS A 437 -0.40 -13.79 27.14
CA LYS A 437 0.71 -14.71 27.39
C LYS A 437 0.34 -15.83 28.39
N ASP A 438 -0.85 -15.75 28.98
CA ASP A 438 -1.18 -16.64 30.09
C ASP A 438 -2.13 -17.76 29.72
N SER A 439 -1.83 -18.96 30.23
CA SER A 439 -2.77 -20.06 30.17
C SER A 439 -2.92 -20.76 31.53
N ARG A 440 -2.24 -20.28 32.56
CA ARG A 440 -2.22 -21.04 33.80
C ARG A 440 -2.31 -20.33 35.17
N THR A 441 -2.38 -19.00 35.20
CA THR A 441 -2.61 -18.33 36.50
C THR A 441 -4.05 -18.60 36.97
N THR A 442 -4.30 -18.38 38.25
CA THR A 442 -5.62 -18.63 38.84
C THR A 442 -6.45 -17.35 38.80
N ALA A 443 -7.76 -17.50 38.87
CA ALA A 443 -8.69 -16.37 38.98
C ALA A 443 -8.35 -15.47 40.17
N GLU A 444 -8.02 -16.06 41.32
CA GLU A 444 -7.73 -15.27 42.51
C GLU A 444 -6.55 -14.32 42.29
N THR A 445 -5.47 -14.85 41.75
CA THR A 445 -4.27 -14.08 41.45
C THR A 445 -4.56 -12.99 40.42
N PHE A 446 -5.22 -13.37 39.34
CA PHE A 446 -5.53 -12.43 38.29
C PHE A 446 -6.38 -11.28 38.82
N HIS A 447 -7.43 -11.60 39.60
CA HIS A 447 -8.27 -10.54 40.17
C HIS A 447 -7.54 -9.57 41.07
N ALA A 448 -6.63 -10.07 41.89
CA ALA A 448 -5.85 -9.19 42.77
C ALA A 448 -4.87 -8.30 41.98
N MET A 449 -4.35 -8.82 40.87
CA MET A 449 -3.45 -8.07 39.97
C MET A 449 -4.17 -6.99 39.18
N TYR A 450 -5.49 -7.14 39.00
CA TYR A 450 -6.30 -6.18 38.27
C TYR A 450 -7.37 -5.64 39.21
N PRO A 451 -7.05 -4.62 40.02
CA PRO A 451 -8.06 -4.14 40.98
C PRO A 451 -9.27 -3.43 40.34
N ARG A 452 -9.24 -3.22 39.03
CA ARG A 452 -10.42 -2.68 38.34
C ARG A 452 -11.27 -3.77 37.68
N VAL A 453 -11.01 -5.03 38.03
CA VAL A 453 -11.70 -6.16 37.39
C VAL A 453 -13.21 -6.17 37.69
N ASP A 454 -13.59 -5.86 38.94
CA ASP A 454 -15.02 -5.80 39.31
C ASP A 454 -15.73 -4.71 38.52
N GLU A 455 -15.06 -3.58 38.36
CA GLU A 455 -15.57 -2.49 37.53
C GLU A 455 -15.80 -2.97 36.09
N TRP A 456 -14.79 -3.66 35.54
CA TRP A 456 -14.90 -4.24 34.21
C TRP A 456 -15.99 -5.31 34.11
N ILE A 457 -16.04 -6.22 35.09
CA ILE A 457 -17.08 -7.27 35.10
C ILE A 457 -18.50 -6.67 35.09
N SER A 458 -18.72 -5.58 35.86
CA SER A 458 -20.03 -4.92 35.91
C SER A 458 -20.44 -4.38 34.53
N VAL A 459 -19.46 -3.89 33.77
CA VAL A 459 -19.71 -3.46 32.39
C VAL A 459 -20.07 -4.64 31.49
N ARG A 460 -19.29 -5.72 31.58
CA ARG A 460 -19.54 -6.91 30.78
C ARG A 460 -20.92 -7.53 31.05
N ARG A 461 -21.36 -7.51 32.30
CA ARG A 461 -22.63 -8.13 32.65
C ARG A 461 -23.81 -7.29 32.16
N LYS A 462 -23.62 -5.98 32.13
CA LYS A 462 -24.57 -5.04 31.55
C LYS A 462 -24.74 -5.30 30.04
N VAL A 463 -23.64 -5.56 29.34
CA VAL A 463 -23.67 -5.72 27.87
C VAL A 463 -23.83 -7.17 27.42
N ASP A 464 -23.65 -8.10 28.36
CA ASP A 464 -23.84 -9.52 28.08
C ASP A 464 -24.47 -10.26 29.28
N PRO A 465 -25.72 -9.91 29.64
CA PRO A 465 -26.39 -10.57 30.77
C PRO A 465 -26.44 -12.09 30.67
N LEU A 466 -26.54 -12.63 29.44
CA LEU A 466 -26.71 -14.07 29.23
C LEU A 466 -25.44 -14.86 28.93
N ARG A 467 -24.28 -14.21 29.06
CA ARG A 467 -22.98 -14.88 28.82
C ARG A 467 -22.93 -15.51 27.41
N VAL A 468 -23.42 -14.77 26.42
CA VAL A 468 -23.31 -15.17 25.02
C VAL A 468 -21.84 -15.23 24.58
N PHE A 469 -21.03 -14.33 25.14
CA PHE A 469 -19.59 -14.36 24.88
C PHE A 469 -18.84 -14.99 26.03
N ALA A 470 -18.08 -16.02 25.69
CA ALA A 470 -17.43 -16.86 26.66
C ALA A 470 -16.22 -17.50 26.03
N SER A 471 -15.23 -17.86 26.84
CA SER A 471 -14.01 -18.51 26.38
C SER A 471 -13.37 -19.35 27.48
N ASP A 472 -12.44 -20.22 27.13
CA ASP A 472 -11.70 -20.97 28.13
C ASP A 472 -11.08 -20.05 29.18
N MET A 473 -10.51 -18.93 28.73
CA MET A 473 -9.88 -17.99 29.66
C MET A 473 -10.91 -17.35 30.59
N ALA A 474 -12.05 -16.97 30.03
CA ALA A 474 -13.13 -16.37 30.82
C ALA A 474 -13.56 -17.28 31.97
N ARG A 475 -13.66 -18.57 31.69
CA ARG A 475 -14.06 -19.53 32.72
C ARG A 475 -12.95 -19.75 33.75
N ARG A 476 -11.72 -19.94 33.26
CA ARG A 476 -10.56 -20.13 34.14
C ARG A 476 -10.33 -18.94 35.07
N LEU A 477 -10.40 -17.73 34.51
CA LEU A 477 -10.09 -16.52 35.25
C LEU A 477 -11.31 -15.87 35.87
N GLU A 478 -12.46 -16.56 35.77
CA GLU A 478 -13.72 -16.09 36.35
C GLU A 478 -14.07 -14.68 35.91
N LEU A 479 -14.06 -14.50 34.61
CA LEU A 479 -14.44 -13.25 33.96
C LEU A 479 -15.78 -13.43 33.28
N LEU A 480 -16.28 -14.68 33.29
CA LEU A 480 -17.55 -15.02 32.65
C LEU A 480 -18.72 -14.29 33.31
N THR B 27 13.44 28.71 -9.74
CA THR B 27 13.47 28.91 -11.24
C THR B 27 14.88 28.69 -11.79
N THR B 28 15.06 27.56 -12.47
CA THR B 28 16.33 27.22 -13.12
C THR B 28 16.11 27.23 -14.63
N ALA B 29 16.91 28.05 -15.33
CA ALA B 29 16.91 28.03 -16.79
C ALA B 29 17.38 26.65 -17.26
N THR B 30 16.48 25.89 -17.88
CA THR B 30 16.78 24.50 -18.27
C THR B 30 16.51 24.24 -19.74
N ARG B 31 17.46 23.56 -20.39
CA ARG B 31 17.28 23.07 -21.75
C ARG B 31 16.33 21.87 -21.71
N LEU B 32 15.22 21.96 -22.43
CA LEU B 32 14.18 20.93 -22.39
C LEU B 32 13.86 20.34 -23.76
N THR B 33 13.67 19.02 -23.79
CA THR B 33 13.17 18.33 -24.99
C THR B 33 12.02 17.39 -24.60
N GLY B 34 11.37 16.81 -25.60
CA GLY B 34 10.43 15.72 -25.37
C GLY B 34 11.21 14.43 -25.15
N TRP B 35 10.51 13.30 -25.20
CA TRP B 35 11.16 11.99 -25.10
C TRP B 35 11.94 11.65 -26.35
N GLY B 36 11.59 12.30 -27.46
CA GLY B 36 12.29 12.10 -28.73
C GLY B 36 13.57 12.88 -28.86
N ARG B 37 13.92 13.65 -27.83
CA ARG B 37 15.13 14.48 -27.78
C ARG B 37 15.24 15.45 -28.97
N THR B 38 14.07 15.90 -29.47
CA THR B 38 14.00 16.75 -30.66
C THR B 38 13.55 18.15 -30.27
N ALA B 39 14.03 19.14 -31.02
CA ALA B 39 13.68 20.55 -30.86
C ALA B 39 13.80 21.07 -29.41
N PRO B 40 15.06 21.26 -28.94
CA PRO B 40 15.26 21.78 -27.59
C PRO B 40 14.94 23.27 -27.48
N SER B 41 14.46 23.69 -26.30
CA SER B 41 14.24 25.11 -26.01
C SER B 41 14.47 25.39 -24.52
N VAL B 42 15.22 26.44 -24.23
CA VAL B 42 15.51 26.85 -22.85
C VAL B 42 14.31 27.56 -22.22
N ALA B 43 13.87 27.02 -21.08
CA ALA B 43 12.80 27.63 -20.30
C ALA B 43 13.21 27.76 -18.84
N ASN B 44 12.40 28.49 -18.07
CA ASN B 44 12.61 28.59 -16.64
C ASN B 44 11.79 27.54 -15.90
N VAL B 45 12.48 26.56 -15.34
CA VAL B 45 11.83 25.43 -14.68
C VAL B 45 11.67 25.64 -13.17
N LEU B 46 10.42 25.79 -12.73
CA LEU B 46 10.07 25.76 -11.31
C LEU B 46 9.85 24.31 -10.85
N ARG B 47 10.49 23.93 -9.76
CA ARG B 47 10.40 22.57 -9.23
C ARG B 47 10.19 22.58 -7.72
N THR B 48 8.93 22.65 -7.30
CA THR B 48 8.58 22.80 -5.89
C THR B 48 7.48 21.84 -5.42
N PRO B 49 7.63 21.23 -4.22
CA PRO B 49 6.55 20.43 -3.63
C PRO B 49 5.45 21.31 -3.02
N ASP B 50 5.67 22.62 -3.04
CA ASP B 50 4.79 23.58 -2.38
C ASP B 50 3.79 24.15 -3.38
N ALA B 51 2.51 23.92 -3.13
CA ALA B 51 1.44 24.34 -4.04
C ALA B 51 1.20 25.85 -4.04
N GLU B 52 1.62 26.51 -2.96
CA GLU B 52 1.53 27.97 -2.84
C GLU B 52 2.49 28.67 -3.79
N MET B 53 3.67 28.08 -3.96
CA MET B 53 4.68 28.59 -4.88
C MET B 53 4.15 28.56 -6.30
N ILE B 54 3.52 27.44 -6.66
CA ILE B 54 2.96 27.26 -7.99
C ILE B 54 1.91 28.34 -8.30
N VAL B 55 0.97 28.56 -7.38
CA VAL B 55 -0.03 29.63 -7.54
C VAL B 55 0.63 31.00 -7.67
N LYS B 56 1.61 31.28 -6.81
CA LYS B 56 2.38 32.52 -6.87
C LYS B 56 3.09 32.70 -8.21
N ALA B 57 3.71 31.62 -8.69
CA ALA B 57 4.45 31.64 -9.97
C ALA B 57 3.55 31.94 -11.17
N VAL B 58 2.31 31.50 -11.10
CA VAL B 58 1.30 31.71 -12.16
C VAL B 58 0.81 33.16 -12.18
N ALA B 59 0.52 33.71 -11.00
CA ALA B 59 0.14 35.12 -10.87
C ALA B 59 1.28 36.05 -11.33
N ARG B 60 2.51 35.66 -10.99
CA ARG B 60 3.74 36.31 -11.48
C ARG B 60 3.73 36.44 -13.01
N VAL B 61 3.34 35.36 -13.68
CA VAL B 61 3.26 35.33 -15.15
C VAL B 61 2.03 36.12 -15.65
N ALA B 62 0.95 36.08 -14.88
CA ALA B 62 -0.28 36.80 -15.23
C ALA B 62 -0.14 38.32 -15.02
N GLU B 63 0.67 38.71 -14.04
CA GLU B 63 0.95 40.12 -13.74
C GLU B 63 1.98 40.69 -14.71
N SER B 64 3.00 39.89 -15.04
CA SER B 64 4.08 40.29 -15.96
C SER B 64 3.56 40.89 -17.27
N GLY B 65 2.34 40.51 -17.64
CA GLY B 65 1.70 40.98 -18.87
C GLY B 65 1.38 39.80 -19.77
N GLY B 66 1.23 40.07 -21.06
CA GLY B 66 1.05 39.01 -22.05
C GLY B 66 2.40 38.48 -22.52
N GLY B 67 3.13 37.88 -21.60
CA GLY B 67 4.49 37.40 -21.87
C GLY B 67 4.53 36.05 -22.56
N ARG B 68 5.51 35.25 -22.17
CA ARG B 68 5.76 33.96 -22.81
C ARG B 68 5.05 32.79 -22.13
N GLY B 69 4.18 33.10 -21.18
CA GLY B 69 3.36 32.11 -20.50
C GLY B 69 4.09 31.04 -19.70
N ALA B 70 3.33 30.02 -19.30
CA ALA B 70 3.87 28.90 -18.54
C ALA B 70 3.16 27.60 -18.93
N ILE B 71 3.86 26.48 -18.77
CA ILE B 71 3.26 25.17 -19.03
C ILE B 71 3.66 24.15 -17.95
N ALA B 72 2.71 23.29 -17.58
CA ALA B 72 3.01 22.19 -16.67
C ALA B 72 3.85 21.15 -17.38
N ARG B 73 4.65 20.43 -16.60
CA ARG B 73 5.42 19.31 -17.09
C ARG B 73 5.33 18.16 -16.09
N GLY B 74 5.06 16.97 -16.60
CA GLY B 74 5.02 15.76 -15.78
C GLY B 74 6.38 15.10 -15.78
N LEU B 75 6.44 13.86 -16.24
CA LEU B 75 7.71 13.13 -16.29
C LEU B 75 8.44 13.23 -17.64
N GLY B 76 7.92 14.05 -18.55
CA GLY B 76 8.59 14.31 -19.84
C GLY B 76 8.55 13.15 -20.83
N ARG B 77 7.53 12.31 -20.74
CA ARG B 77 7.43 11.13 -21.61
C ARG B 77 6.77 11.38 -22.97
N SER B 78 6.13 12.53 -23.15
CA SER B 78 5.65 12.91 -24.48
C SER B 78 6.86 13.11 -25.35
N TYR B 79 6.82 12.55 -26.56
CA TYR B 79 7.93 12.65 -27.52
C TYR B 79 8.03 14.07 -28.07
N GLY B 80 6.90 14.78 -28.07
CA GLY B 80 6.81 16.09 -28.70
C GLY B 80 7.16 17.28 -27.82
N ASP B 81 6.65 18.43 -28.23
CA ASP B 81 7.03 19.70 -27.63
C ASP B 81 5.92 20.32 -26.80
N ASN B 82 4.99 19.49 -26.32
CA ASN B 82 3.88 20.00 -25.51
C ASN B 82 4.21 20.30 -24.05
N ALA B 83 5.32 19.74 -23.56
CA ALA B 83 5.74 19.95 -22.16
C ALA B 83 6.94 20.91 -22.03
N GLN B 84 7.13 21.75 -23.05
CA GLN B 84 8.18 22.76 -23.02
C GLN B 84 7.71 24.11 -23.54
N ASN B 85 8.29 25.18 -23.00
CA ASN B 85 7.84 26.53 -23.29
C ASN B 85 9.04 27.45 -23.46
N GLY B 86 9.58 27.48 -24.68
CA GLY B 86 10.76 28.27 -25.01
C GLY B 86 10.62 29.72 -24.60
N GLY B 87 11.53 30.17 -23.76
CA GLY B 87 11.56 31.56 -23.30
C GLY B 87 10.49 31.90 -22.28
N GLY B 88 9.82 30.88 -21.75
CA GLY B 88 8.79 31.08 -20.72
C GLY B 88 9.05 30.25 -19.48
N LEU B 89 8.02 30.12 -18.65
CA LEU B 89 8.11 29.27 -17.46
C LEU B 89 7.58 27.85 -17.71
N VAL B 90 8.31 26.87 -17.18
CA VAL B 90 7.87 25.47 -17.13
C VAL B 90 7.81 25.02 -15.67
N ILE B 91 6.62 24.58 -15.25
CA ILE B 91 6.39 24.16 -13.86
C ILE B 91 6.39 22.63 -13.75
N ASP B 92 7.47 22.08 -13.20
CA ASP B 92 7.62 20.64 -13.00
C ASP B 92 6.71 20.18 -11.87
N MET B 93 5.75 19.31 -12.20
CA MET B 93 4.72 18.92 -11.24
C MET B 93 5.06 17.68 -10.41
N THR B 94 6.15 17.01 -10.77
CA THR B 94 6.54 15.75 -10.11
C THR B 94 6.72 15.80 -8.56
N PRO B 95 7.21 16.93 -7.99
CA PRO B 95 7.30 16.99 -6.51
C PRO B 95 5.94 17.00 -5.80
N LEU B 96 4.90 17.39 -6.51
CA LEU B 96 3.55 17.32 -5.99
C LEU B 96 2.98 15.92 -6.21
N ASN B 97 3.38 14.98 -5.35
CA ASN B 97 3.07 13.57 -5.54
C ASN B 97 2.34 12.92 -4.34
N THR B 98 1.47 13.68 -3.68
CA THR B 98 0.75 13.14 -2.54
C THR B 98 -0.48 12.33 -2.94
N ILE B 99 -0.54 11.08 -2.47
CA ILE B 99 -1.77 10.28 -2.54
C ILE B 99 -2.61 10.60 -1.30
N HIS B 100 -3.75 11.24 -1.50
CA HIS B 100 -4.55 11.72 -0.37
C HIS B 100 -5.42 10.66 0.24
N SER B 101 -6.12 9.89 -0.59
CA SER B 101 -6.95 8.82 -0.09
C SER B 101 -7.24 7.81 -1.18
N ILE B 102 -7.51 6.58 -0.76
CA ILE B 102 -8.00 5.52 -1.61
C ILE B 102 -9.12 4.82 -0.86
N ASP B 103 -10.19 4.49 -1.56
CA ASP B 103 -11.36 3.92 -0.91
C ASP B 103 -11.83 2.72 -1.74
N ALA B 104 -11.74 1.53 -1.15
CA ALA B 104 -12.13 0.29 -1.83
C ALA B 104 -13.64 0.23 -2.11
N ASP B 105 -14.42 0.86 -1.24
CA ASP B 105 -15.89 0.83 -1.35
C ASP B 105 -16.42 1.70 -2.49
N THR B 106 -15.95 2.93 -2.56
CA THR B 106 -16.35 3.84 -3.65
C THR B 106 -15.46 3.68 -4.89
N LYS B 107 -14.32 3.00 -4.73
CA LYS B 107 -13.33 2.79 -5.80
C LYS B 107 -12.64 4.09 -6.25
N LEU B 108 -12.71 5.11 -5.40
CA LEU B 108 -12.11 6.40 -5.76
C LEU B 108 -10.73 6.57 -5.15
N VAL B 109 -9.83 7.13 -5.94
CA VAL B 109 -8.51 7.56 -5.47
C VAL B 109 -8.45 9.08 -5.63
N ASP B 110 -7.86 9.75 -4.65
CA ASP B 110 -7.76 11.21 -4.64
C ASP B 110 -6.28 11.50 -4.53
N ILE B 111 -5.69 12.04 -5.59
CA ILE B 111 -4.24 12.16 -5.68
C ILE B 111 -3.85 13.46 -6.35
N ASP B 112 -2.64 13.92 -6.06
CA ASP B 112 -2.02 15.07 -6.72
C ASP B 112 -1.59 14.71 -8.14
N ALA B 113 -1.54 15.72 -9.01
CA ALA B 113 -1.29 15.49 -10.45
C ALA B 113 0.12 14.99 -10.75
N GLY B 114 1.01 15.16 -9.79
CA GLY B 114 2.38 14.70 -9.92
C GLY B 114 2.57 13.24 -9.61
N VAL B 115 1.56 12.61 -9.00
CA VAL B 115 1.58 11.16 -8.73
C VAL B 115 1.71 10.44 -10.07
N ASN B 116 2.60 9.46 -10.15
CA ASN B 116 2.78 8.67 -11.35
C ASN B 116 1.99 7.36 -11.28
N LEU B 117 1.73 6.77 -12.44
CA LEU B 117 0.83 5.62 -12.52
C LEU B 117 1.41 4.38 -11.90
N ASP B 118 2.73 4.28 -11.86
CA ASP B 118 3.41 3.17 -11.19
C ASP B 118 3.22 3.27 -9.68
N GLN B 119 3.41 4.49 -9.17
CA GLN B 119 3.21 4.78 -7.75
C GLN B 119 1.75 4.49 -7.40
N LEU B 120 0.83 4.97 -8.25
CA LEU B 120 -0.60 4.73 -8.03
C LEU B 120 -0.99 3.25 -8.07
N MET B 121 -0.48 2.53 -9.07
CA MET B 121 -0.76 1.10 -9.18
C MET B 121 -0.37 0.39 -7.89
N LYS B 122 0.87 0.65 -7.42
CA LYS B 122 1.39 0.05 -6.20
C LYS B 122 0.51 0.36 -5.00
N ALA B 123 0.13 1.62 -4.85
CA ALA B 123 -0.66 2.05 -3.68
C ALA B 123 -2.07 1.46 -3.67
N ALA B 124 -2.68 1.33 -4.86
CA ALA B 124 -4.07 0.93 -4.97
C ALA B 124 -4.29 -0.59 -4.96
N LEU B 125 -3.26 -1.35 -5.35
CA LEU B 125 -3.41 -2.82 -5.45
C LEU B 125 -3.96 -3.47 -4.16
N PRO B 126 -3.44 -3.10 -2.97
CA PRO B 126 -3.94 -3.74 -1.75
C PRO B 126 -5.41 -3.42 -1.40
N PHE B 127 -6.03 -2.51 -2.15
CA PHE B 127 -7.44 -2.18 -1.96
C PHE B 127 -8.28 -2.93 -2.96
N GLY B 128 -7.64 -3.80 -3.76
CA GLY B 128 -8.34 -4.50 -4.82
C GLY B 128 -8.77 -3.59 -5.97
N LEU B 129 -7.96 -2.57 -6.26
CA LEU B 129 -8.22 -1.59 -7.31
C LEU B 129 -7.12 -1.55 -8.35
N TRP B 130 -7.53 -1.33 -9.61
CA TRP B 130 -6.63 -1.36 -10.77
C TRP B 130 -6.72 -0.07 -11.56
N VAL B 131 -5.57 0.51 -11.91
CA VAL B 131 -5.54 1.72 -12.73
C VAL B 131 -6.29 1.41 -14.03
N PRO B 132 -7.36 2.20 -14.33
CA PRO B 132 -8.31 1.83 -15.39
C PRO B 132 -7.76 1.91 -16.81
N VAL B 133 -6.69 2.67 -17.01
CA VAL B 133 -6.04 2.79 -18.32
C VAL B 133 -4.53 2.94 -18.10
N LEU B 134 -3.74 2.00 -18.63
CA LEU B 134 -2.29 2.07 -18.51
C LEU B 134 -1.61 2.18 -19.87
N PRO B 135 -0.68 3.14 -20.01
CA PRO B 135 0.04 3.25 -21.28
C PRO B 135 1.17 2.21 -21.32
N GLY B 136 1.88 2.13 -22.45
CA GLY B 136 3.02 1.21 -22.60
C GLY B 136 4.23 1.48 -21.70
N THR B 137 4.13 2.52 -20.86
CA THR B 137 5.13 2.80 -19.82
C THR B 137 4.41 3.26 -18.56
N ARG B 138 4.96 2.90 -17.40
CA ARG B 138 4.34 3.25 -16.11
C ARG B 138 4.81 4.59 -15.55
N GLN B 139 5.90 5.10 -16.13
CA GLN B 139 6.43 6.40 -15.72
C GLN B 139 5.72 7.57 -16.39
N VAL B 140 4.44 7.76 -16.06
CA VAL B 140 3.73 8.98 -16.47
C VAL B 140 2.90 9.54 -15.30
N THR B 141 2.76 10.85 -15.25
CA THR B 141 2.00 11.50 -14.19
C THR B 141 0.51 11.47 -14.46
N VAL B 142 -0.26 11.63 -13.40
CA VAL B 142 -1.73 11.71 -13.53
C VAL B 142 -2.10 12.93 -14.38
N GLY B 143 -1.35 14.01 -14.22
CA GLY B 143 -1.59 15.23 -15.00
C GLY B 143 -1.29 15.02 -16.47
N GLY B 144 -0.15 14.38 -16.76
CA GLY B 144 0.19 13.96 -18.13
C GLY B 144 -0.82 13.01 -18.75
N ALA B 145 -1.24 12.02 -17.97
CA ALA B 145 -2.30 11.07 -18.36
C ALA B 145 -3.59 11.78 -18.75
N ILE B 146 -3.98 12.79 -17.97
CA ILE B 146 -5.21 13.53 -18.25
C ILE B 146 -5.01 14.47 -19.46
N ALA B 147 -3.92 15.22 -19.46
CA ALA B 147 -3.69 16.23 -20.49
C ALA B 147 -3.49 15.65 -21.89
N CYS B 148 -3.07 14.39 -21.99
CA CYS B 148 -2.98 13.75 -23.30
C CYS B 148 -4.08 12.73 -23.51
N ASP B 149 -4.99 12.64 -22.53
CA ASP B 149 -6.11 11.69 -22.54
C ASP B 149 -5.57 10.35 -23.05
N ILE B 150 -4.64 9.77 -22.28
CA ILE B 150 -3.87 8.62 -22.77
C ILE B 150 -4.75 7.38 -22.93
N HIS B 151 -4.30 6.45 -23.79
CA HIS B 151 -5.02 5.23 -24.07
C HIS B 151 -4.12 4.07 -23.78
N GLY B 152 -4.71 2.89 -23.73
CA GLY B 152 -3.96 1.68 -23.47
C GLY B 152 -4.50 0.51 -24.26
N LYS B 153 -4.01 -0.67 -23.89
CA LYS B 153 -4.32 -1.94 -24.52
C LYS B 153 -5.81 -2.32 -24.34
N ASN B 154 -6.48 -1.66 -23.39
CA ASN B 154 -7.92 -1.88 -23.14
C ASN B 154 -8.84 -0.76 -23.66
N HIS B 155 -8.35 0.06 -24.59
CA HIS B 155 -9.18 1.17 -25.06
C HIS B 155 -10.54 0.75 -25.57
N HIS B 156 -10.59 -0.35 -26.33
CA HIS B 156 -11.84 -0.79 -26.93
C HIS B 156 -12.90 -1.16 -25.91
N SER B 157 -12.48 -1.52 -24.69
CA SER B 157 -13.43 -1.85 -23.64
C SER B 157 -13.56 -0.80 -22.53
N ALA B 158 -12.59 0.10 -22.40
CA ALA B 158 -12.55 1.00 -21.25
C ALA B 158 -12.44 2.48 -21.61
N GLY B 159 -12.24 2.77 -22.90
CA GLY B 159 -12.00 4.14 -23.37
C GLY B 159 -10.61 4.62 -22.94
N SER B 160 -10.45 5.94 -22.94
CA SER B 160 -9.16 6.54 -22.54
C SER B 160 -9.18 7.05 -21.09
N PHE B 161 -8.06 7.61 -20.63
CA PHE B 161 -7.90 7.99 -19.24
C PHE B 161 -8.96 9.00 -18.79
N GLY B 162 -9.31 9.95 -19.66
CA GLY B 162 -10.32 10.98 -19.33
C GLY B 162 -11.67 10.40 -18.93
N ASN B 163 -12.05 9.26 -19.52
CA ASN B 163 -13.30 8.56 -19.17
C ASN B 163 -13.48 8.20 -17.69
N HIS B 164 -12.36 8.13 -16.95
CA HIS B 164 -12.33 7.62 -15.56
C HIS B 164 -12.12 8.67 -14.51
N VAL B 165 -11.90 9.91 -14.95
CA VAL B 165 -11.72 11.02 -14.04
C VAL B 165 -13.08 11.49 -13.55
N ARG B 166 -13.25 11.55 -12.24
CA ARG B 166 -14.52 11.94 -11.67
C ARG B 166 -14.52 13.41 -11.25
N SER B 167 -13.33 13.95 -11.00
CA SER B 167 -13.18 15.38 -10.76
C SER B 167 -11.72 15.75 -10.89
N MET B 168 -11.46 17.03 -11.15
CA MET B 168 -10.10 17.57 -11.06
C MET B 168 -10.09 19.03 -10.60
N ASP B 169 -9.00 19.41 -9.94
CA ASP B 169 -8.86 20.78 -9.50
C ASP B 169 -7.85 21.47 -10.41
N LEU B 170 -8.35 22.47 -11.13
CA LEU B 170 -7.57 23.18 -12.13
C LEU B 170 -7.26 24.62 -11.71
N LEU B 171 -5.98 24.92 -11.57
CA LEU B 171 -5.52 26.28 -11.34
C LEU B 171 -5.62 27.06 -12.64
N THR B 172 -6.61 27.96 -12.72
CA THR B 172 -6.81 28.79 -13.91
C THR B 172 -5.92 30.05 -13.91
N ALA B 173 -5.93 30.77 -15.03
CA ALA B 173 -5.03 31.92 -15.27
C ALA B 173 -5.23 33.10 -14.31
N ASP B 174 -6.46 33.27 -13.82
CA ASP B 174 -6.78 34.31 -12.83
C ASP B 174 -6.50 33.87 -11.39
N GLY B 175 -5.69 32.83 -11.23
CA GLY B 175 -5.28 32.35 -9.90
C GLY B 175 -6.30 31.50 -9.17
N GLU B 176 -7.49 31.34 -9.76
CA GLU B 176 -8.55 30.54 -9.18
C GLU B 176 -8.33 29.03 -9.42
N ILE B 177 -8.36 28.25 -8.34
CA ILE B 177 -8.33 26.79 -8.43
C ILE B 177 -9.77 26.27 -8.48
N ARG B 178 -10.17 25.73 -9.62
CA ARG B 178 -11.57 25.34 -9.83
C ARG B 178 -11.84 23.83 -9.87
N HIS B 179 -12.96 23.42 -9.27
CA HIS B 179 -13.36 22.02 -9.19
C HIS B 179 -14.17 21.67 -10.41
N LEU B 180 -13.61 20.80 -11.26
CA LEU B 180 -14.29 20.38 -12.51
C LEU B 180 -14.78 18.95 -12.39
N THR B 181 -15.98 18.71 -12.91
CA THR B 181 -16.57 17.37 -12.99
C THR B 181 -17.09 17.16 -14.42
N PRO B 182 -17.14 15.89 -14.89
CA PRO B 182 -17.54 15.58 -16.28
C PRO B 182 -19.00 15.92 -16.64
N THR B 183 -19.88 15.98 -15.65
CA THR B 183 -21.28 16.30 -15.91
C THR B 183 -21.75 17.48 -15.07
N GLY B 184 -20.81 18.22 -14.49
CA GLY B 184 -21.16 19.39 -13.69
C GLY B 184 -21.57 20.58 -14.55
N GLU B 185 -21.59 21.75 -13.94
CA GLU B 185 -21.87 22.99 -14.66
C GLU B 185 -20.63 23.41 -15.43
N ASP B 186 -19.46 22.94 -14.98
CA ASP B 186 -18.20 23.20 -15.65
C ASP B 186 -17.76 22.07 -16.58
N ALA B 187 -18.71 21.27 -17.03
CA ALA B 187 -18.47 20.11 -17.90
C ALA B 187 -17.61 20.46 -19.12
N GLU B 188 -17.96 21.56 -19.78
CA GLU B 188 -17.26 22.03 -20.97
C GLU B 188 -15.76 22.22 -20.74
N LEU B 189 -15.41 22.87 -19.63
CA LEU B 189 -14.01 23.11 -19.32
C LEU B 189 -13.25 21.83 -18.90
N PHE B 190 -13.96 20.93 -18.22
CA PHE B 190 -13.42 19.61 -17.85
C PHE B 190 -12.99 18.86 -19.11
N TRP B 191 -13.91 18.79 -20.08
CA TRP B 191 -13.67 18.09 -21.35
C TRP B 191 -12.68 18.76 -22.28
N ALA B 192 -12.39 20.05 -22.06
CA ALA B 192 -11.34 20.76 -22.79
C ALA B 192 -9.99 20.50 -22.17
N THR B 193 -10.00 20.26 -20.86
CA THR B 193 -8.79 19.96 -20.12
C THR B 193 -8.31 18.52 -20.39
N VAL B 194 -9.26 17.60 -20.53
CA VAL B 194 -8.94 16.24 -21.00
C VAL B 194 -8.42 16.35 -22.42
N GLY B 195 -7.17 15.96 -22.63
CA GLY B 195 -6.54 16.04 -23.93
C GLY B 195 -6.18 17.47 -24.31
N GLY B 196 -6.32 18.40 -23.37
CA GLY B 196 -6.04 19.81 -23.63
C GLY B 196 -4.57 20.20 -23.59
N ASN B 197 -3.68 19.23 -23.43
CA ASN B 197 -2.22 19.43 -23.39
C ASN B 197 -1.71 20.52 -22.43
N GLY B 198 -2.34 20.61 -21.27
CA GLY B 198 -1.96 21.59 -20.24
C GLY B 198 -2.28 23.04 -20.55
N LEU B 199 -3.15 23.27 -21.53
CA LEU B 199 -3.38 24.62 -22.07
C LEU B 199 -4.63 25.32 -21.53
N THR B 200 -5.29 24.69 -20.56
CA THR B 200 -6.40 25.32 -19.87
C THR B 200 -5.98 25.73 -18.46
N GLY B 201 -4.76 25.37 -18.08
CA GLY B 201 -4.27 25.61 -16.73
C GLY B 201 -3.49 24.44 -16.17
N ILE B 202 -3.27 24.47 -14.85
CA ILE B 202 -2.51 23.43 -14.16
C ILE B 202 -3.44 22.54 -13.36
N ILE B 203 -3.43 21.26 -13.69
CA ILE B 203 -4.17 20.26 -12.93
C ILE B 203 -3.35 20.02 -11.67
N MET B 204 -3.96 20.31 -10.53
CA MET B 204 -3.29 20.22 -9.25
C MET B 204 -3.55 18.86 -8.60
N ARG B 205 -4.78 18.38 -8.78
CA ARG B 205 -5.31 17.25 -8.02
C ARG B 205 -6.45 16.64 -8.81
N ALA B 206 -6.70 15.34 -8.60
CA ALA B 206 -7.76 14.65 -9.33
C ALA B 206 -8.33 13.47 -8.55
N THR B 207 -9.59 13.17 -8.84
CA THR B 207 -10.25 11.95 -8.36
C THR B 207 -10.50 11.03 -9.55
N ILE B 208 -10.06 9.78 -9.43
CA ILE B 208 -10.17 8.78 -10.48
C ILE B 208 -10.96 7.59 -9.97
N GLU B 209 -11.86 7.07 -10.79
CA GLU B 209 -12.59 5.86 -10.46
C GLU B 209 -11.82 4.65 -10.98
N MET B 210 -11.42 3.79 -10.06
CA MET B 210 -10.56 2.65 -10.41
C MET B 210 -11.38 1.45 -10.82
N THR B 211 -10.72 0.51 -11.48
CA THR B 211 -11.36 -0.73 -11.86
C THR B 211 -11.19 -1.74 -10.73
N PRO B 212 -12.31 -2.35 -10.26
CA PRO B 212 -12.13 -3.36 -9.21
C PRO B 212 -11.44 -4.60 -9.76
N THR B 213 -10.61 -5.24 -8.94
CA THR B 213 -9.92 -6.46 -9.35
C THR B 213 -9.67 -7.29 -8.11
N SER B 214 -9.66 -8.61 -8.29
CA SER B 214 -9.32 -9.52 -7.20
C SER B 214 -7.87 -10.02 -7.31
N THR B 215 -7.22 -9.78 -8.46
CA THR B 215 -5.80 -10.12 -8.62
C THR B 215 -5.00 -9.07 -9.38
N ALA B 216 -3.69 -9.15 -9.26
CA ALA B 216 -2.78 -8.35 -10.08
C ALA B 216 -2.31 -9.08 -11.35
N TYR B 217 -3.04 -10.11 -11.76
CA TYR B 217 -2.61 -10.97 -12.86
C TYR B 217 -3.60 -10.99 -14.02
N PHE B 218 -3.09 -11.34 -15.20
CA PHE B 218 -3.87 -11.47 -16.41
C PHE B 218 -3.94 -12.93 -16.87
N ILE B 219 -5.03 -13.27 -17.56
CA ILE B 219 -5.15 -14.52 -18.31
C ILE B 219 -5.01 -14.15 -19.77
N ALA B 220 -3.99 -14.69 -20.44
CA ALA B 220 -3.65 -14.25 -21.78
C ALA B 220 -3.82 -15.36 -22.82
N ASP B 221 -4.42 -14.99 -23.95
CA ASP B 221 -4.40 -15.79 -25.18
C ASP B 221 -3.51 -15.10 -26.21
N GLY B 222 -2.64 -15.87 -26.86
CA GLY B 222 -1.79 -15.34 -27.92
C GLY B 222 -2.08 -15.98 -29.27
N ASP B 223 -2.09 -15.16 -30.32
CA ASP B 223 -2.34 -15.64 -31.68
C ASP B 223 -1.37 -15.05 -32.68
N VAL B 224 -1.19 -15.77 -33.78
CA VAL B 224 -0.42 -15.23 -34.90
C VAL B 224 -1.26 -15.24 -36.18
N THR B 225 -0.87 -14.36 -37.10
CA THR B 225 -1.50 -14.27 -38.42
C THR B 225 -0.38 -14.24 -39.45
N ALA B 226 -0.71 -14.50 -40.70
CA ALA B 226 0.29 -14.61 -41.77
C ALA B 226 0.28 -13.44 -42.75
N SER B 227 -0.68 -12.53 -42.61
CA SER B 227 -0.83 -11.42 -43.54
C SER B 227 -1.62 -10.28 -42.91
N LEU B 228 -1.59 -9.12 -43.58
CA LEU B 228 -2.38 -7.97 -43.14
C LEU B 228 -3.89 -8.26 -43.15
N ASP B 229 -4.39 -8.83 -44.24
CA ASP B 229 -5.80 -9.22 -44.35
C ASP B 229 -6.24 -10.10 -43.19
N GLU B 230 -5.36 -11.02 -42.78
CA GLU B 230 -5.67 -11.94 -41.71
C GLU B 230 -5.68 -11.22 -40.35
N THR B 231 -4.74 -10.30 -40.17
CA THR B 231 -4.71 -9.45 -38.98
C THR B 231 -6.03 -8.65 -38.87
N ILE B 232 -6.43 -8.04 -39.97
CA ILE B 232 -7.68 -7.27 -40.03
C ILE B 232 -8.89 -8.16 -39.73
N ALA B 233 -8.93 -9.33 -40.35
CA ALA B 233 -10.04 -10.27 -40.14
C ALA B 233 -10.21 -10.66 -38.67
N LEU B 234 -9.11 -11.02 -38.00
CA LEU B 234 -9.13 -11.41 -36.59
C LEU B 234 -9.64 -10.28 -35.68
N HIS B 235 -9.34 -9.04 -36.04
CA HIS B 235 -9.84 -7.89 -35.27
C HIS B 235 -11.26 -7.54 -35.62
N SER B 236 -11.77 -8.13 -36.71
CA SER B 236 -13.15 -7.83 -37.15
C SER B 236 -14.13 -8.99 -37.02
N ASP B 237 -13.72 -10.10 -36.42
CA ASP B 237 -14.55 -11.31 -36.38
C ASP B 237 -15.38 -11.46 -35.11
N GLY B 238 -15.38 -10.43 -34.28
CA GLY B 238 -16.13 -10.45 -33.02
C GLY B 238 -15.35 -10.93 -31.80
N SER B 239 -14.15 -11.48 -32.02
CA SER B 239 -13.33 -11.97 -30.90
C SER B 239 -12.86 -10.86 -29.96
N GLU B 240 -12.69 -9.63 -30.47
CA GLU B 240 -12.25 -8.50 -29.63
C GLU B 240 -13.17 -8.28 -28.42
N ALA B 241 -14.47 -8.53 -28.59
CA ALA B 241 -15.46 -8.41 -27.51
C ALA B 241 -15.27 -9.40 -26.35
N ARG B 242 -14.53 -10.48 -26.57
CA ARG B 242 -14.25 -11.46 -25.51
C ARG B 242 -13.06 -11.06 -24.62
N TYR B 243 -12.33 -10.02 -25.01
CA TYR B 243 -11.16 -9.59 -24.25
C TYR B 243 -11.27 -8.11 -23.86
N THR B 244 -10.87 -7.80 -22.63
CA THR B 244 -10.79 -6.41 -22.21
C THR B 244 -9.49 -5.76 -22.69
N TYR B 245 -8.44 -6.57 -22.86
CA TYR B 245 -7.13 -6.07 -23.29
C TYR B 245 -6.68 -6.73 -24.58
N SER B 246 -6.20 -5.93 -25.53
CA SER B 246 -5.76 -6.43 -26.83
C SER B 246 -4.78 -5.51 -27.53
N SER B 247 -3.64 -6.05 -27.94
CA SER B 247 -2.73 -5.31 -28.81
C SER B 247 -1.89 -6.29 -29.62
N ALA B 248 -1.20 -5.76 -30.62
CA ALA B 248 -0.41 -6.61 -31.50
C ALA B 248 0.87 -5.93 -31.93
N TRP B 249 1.90 -6.75 -32.15
CA TRP B 249 3.06 -6.35 -32.93
C TRP B 249 2.76 -6.75 -34.35
N PHE B 250 3.13 -5.92 -35.32
CA PHE B 250 2.99 -6.31 -36.73
C PHE B 250 4.28 -6.11 -37.53
N ASP B 251 4.38 -6.86 -38.62
CA ASP B 251 5.54 -6.83 -39.52
C ASP B 251 5.35 -5.70 -40.53
N ALA B 252 6.21 -4.69 -40.45
CA ALA B 252 6.13 -3.52 -41.32
C ALA B 252 7.24 -3.51 -42.39
N ILE B 253 7.94 -4.65 -42.51
CA ILE B 253 9.14 -4.75 -43.37
C ILE B 253 9.01 -5.77 -44.51
N SER B 254 8.46 -6.95 -44.24
CA SER B 254 8.28 -7.99 -45.27
C SER B 254 7.32 -7.55 -46.36
N ALA B 255 7.60 -7.99 -47.59
CA ALA B 255 6.74 -7.69 -48.73
C ALA B 255 5.39 -8.41 -48.61
N PRO B 256 4.34 -7.87 -49.26
CA PRO B 256 3.08 -8.60 -49.32
C PRO B 256 3.32 -9.98 -49.95
N PRO B 257 2.57 -11.00 -49.52
CA PRO B 257 1.42 -10.94 -48.60
C PRO B 257 1.78 -11.07 -47.12
N LYS B 258 3.07 -11.17 -46.80
CA LYS B 258 3.52 -11.34 -45.42
C LYS B 258 3.41 -10.04 -44.61
N LEU B 259 3.54 -8.91 -45.31
CA LEU B 259 3.33 -7.60 -44.71
C LEU B 259 2.06 -7.56 -43.87
N GLY B 260 2.18 -7.07 -42.63
CA GLY B 260 1.00 -6.91 -41.78
C GLY B 260 0.62 -8.11 -40.95
N ARG B 261 1.35 -9.22 -41.12
CA ARG B 261 1.25 -10.36 -40.20
C ARG B 261 1.59 -9.91 -38.78
N ALA B 262 1.02 -10.58 -37.79
CA ALA B 262 1.04 -10.06 -36.44
C ALA B 262 1.18 -11.12 -35.35
N ALA B 263 1.78 -10.73 -34.24
CA ALA B 263 1.68 -11.45 -32.98
C ALA B 263 0.68 -10.67 -32.10
N VAL B 264 -0.45 -11.32 -31.81
CA VAL B 264 -1.55 -10.70 -31.07
C VAL B 264 -1.58 -11.21 -29.64
N SER B 265 -1.64 -10.27 -28.69
CA SER B 265 -1.69 -10.62 -27.27
C SER B 265 -3.00 -10.09 -26.70
N ARG B 266 -3.86 -11.00 -26.25
CA ARG B 266 -5.17 -10.61 -25.75
C ARG B 266 -5.46 -11.26 -24.41
N GLY B 267 -6.28 -10.60 -23.59
CA GLY B 267 -6.59 -11.14 -22.28
C GLY B 267 -7.45 -10.29 -21.37
N ARG B 268 -7.46 -10.67 -20.10
CA ARG B 268 -8.27 -10.01 -19.09
C ARG B 268 -7.64 -10.24 -17.72
N LEU B 269 -7.99 -9.39 -16.76
CA LEU B 269 -7.56 -9.57 -15.40
C LEU B 269 -8.07 -10.91 -14.87
N ALA B 270 -7.20 -11.63 -14.16
CA ALA B 270 -7.53 -12.93 -13.58
C ALA B 270 -8.33 -12.77 -12.29
N THR B 271 -9.17 -13.76 -12.01
CA THR B 271 -9.85 -13.90 -10.72
C THR B 271 -9.02 -14.83 -9.85
N VAL B 272 -9.21 -14.74 -8.52
CA VAL B 272 -8.42 -15.56 -7.58
C VAL B 272 -8.42 -17.04 -7.92
N GLU B 273 -9.58 -17.57 -8.32
CA GLU B 273 -9.74 -19.00 -8.61
C GLU B 273 -9.06 -19.46 -9.90
N GLN B 274 -8.54 -18.52 -10.67
CA GLN B 274 -7.78 -18.86 -11.89
C GLN B 274 -6.27 -18.89 -11.62
N LEU B 275 -5.90 -18.53 -10.41
CA LEU B 275 -4.51 -18.52 -10.01
C LEU B 275 -4.08 -19.87 -9.43
N PRO B 276 -2.85 -20.32 -9.76
CA PRO B 276 -2.23 -21.42 -9.02
C PRO B 276 -2.11 -21.05 -7.54
N ALA B 277 -2.34 -22.04 -6.68
CA ALA B 277 -2.44 -21.85 -5.23
C ALA B 277 -1.30 -21.04 -4.59
N LYS B 278 -0.11 -21.08 -5.19
CA LYS B 278 1.06 -20.38 -4.67
C LYS B 278 0.97 -18.86 -4.85
N LEU B 279 0.00 -18.43 -5.66
CA LEU B 279 -0.27 -17.01 -5.90
C LEU B 279 -1.46 -16.51 -5.09
N ARG B 280 -2.32 -17.46 -4.71
CA ARG B 280 -3.55 -17.19 -3.94
C ARG B 280 -3.30 -16.63 -2.55
N SER B 281 -2.10 -16.85 -2.02
CA SER B 281 -1.71 -16.30 -0.72
C SER B 281 -1.55 -14.78 -0.77
N GLU B 282 -1.22 -14.27 -1.96
CA GLU B 282 -1.11 -12.82 -2.17
C GLU B 282 -1.48 -12.44 -3.60
N PRO B 283 -2.77 -12.62 -3.97
CA PRO B 283 -3.19 -12.47 -5.37
C PRO B 283 -3.02 -11.06 -5.95
N LEU B 284 -2.84 -10.07 -5.09
CA LEU B 284 -2.75 -8.68 -5.50
C LEU B 284 -1.31 -8.16 -5.50
N LYS B 285 -0.35 -9.08 -5.35
CA LYS B 285 1.09 -8.76 -5.31
C LYS B 285 1.54 -7.84 -6.44
N PHE B 286 2.25 -6.77 -6.08
CA PHE B 286 2.78 -5.80 -7.03
C PHE B 286 3.93 -6.42 -7.82
N ASP B 287 3.93 -6.18 -9.13
CA ASP B 287 5.04 -6.60 -9.98
C ASP B 287 6.07 -5.49 -10.08
N ALA B 288 7.16 -5.63 -9.33
CA ALA B 288 8.18 -4.59 -9.16
C ALA B 288 8.99 -4.28 -10.45
N PRO B 289 9.08 -2.98 -10.83
CA PRO B 289 9.80 -2.56 -12.04
C PRO B 289 11.31 -2.76 -11.93
N GLU B 313 4.83 -22.88 -42.22
CA GLU B 313 3.78 -22.00 -41.74
C GLU B 313 2.89 -22.64 -40.66
N LEU B 314 2.67 -23.96 -40.77
CA LEU B 314 1.89 -24.68 -39.76
C LEU B 314 2.60 -24.69 -38.39
N TRP B 315 3.92 -24.75 -38.41
CA TRP B 315 4.69 -24.67 -37.16
C TRP B 315 4.60 -23.27 -36.57
N TYR B 316 4.71 -22.29 -37.46
CA TYR B 316 4.57 -20.87 -37.10
C TYR B 316 3.29 -20.60 -36.28
N ARG B 317 2.16 -21.14 -36.75
CA ARG B 317 0.88 -21.00 -36.05
C ARG B 317 0.88 -21.66 -34.69
N LYS B 318 1.21 -22.95 -34.67
CA LYS B 318 1.28 -23.72 -33.43
C LYS B 318 2.16 -23.05 -32.38
N SER B 319 3.34 -22.62 -32.82
CA SER B 319 4.35 -22.03 -31.94
C SER B 319 3.91 -20.68 -31.36
N GLY B 320 3.15 -19.90 -32.14
CA GLY B 320 2.72 -18.57 -31.70
C GLY B 320 1.31 -18.48 -31.12
N THR B 321 0.68 -19.64 -30.92
CA THR B 321 -0.66 -19.69 -30.35
C THR B 321 -0.63 -20.29 -28.96
N TYR B 322 -1.24 -19.60 -28.00
CA TYR B 322 -1.43 -20.13 -26.65
C TYR B 322 -2.77 -19.67 -26.06
N ARG B 323 -3.24 -20.40 -25.06
CA ARG B 323 -4.51 -20.08 -24.41
C ARG B 323 -4.37 -20.16 -22.90
N GLY B 324 -4.98 -19.22 -22.20
CA GLY B 324 -5.09 -19.27 -20.73
C GLY B 324 -3.81 -19.13 -19.94
N LYS B 325 -2.83 -18.44 -20.50
CA LYS B 325 -1.54 -18.27 -19.84
C LYS B 325 -1.65 -17.20 -18.75
N VAL B 326 -1.19 -17.55 -17.55
CA VAL B 326 -1.21 -16.63 -16.42
C VAL B 326 0.02 -15.75 -16.48
N GLN B 327 -0.19 -14.45 -16.57
CA GLN B 327 0.90 -13.49 -16.76
C GLN B 327 0.80 -12.34 -15.78
N ASN B 328 1.94 -11.86 -15.27
CA ASN B 328 1.93 -10.64 -14.46
C ASN B 328 1.93 -9.43 -15.39
N LEU B 329 2.03 -8.23 -14.80
CA LEU B 329 1.97 -7.01 -15.60
C LEU B 329 3.12 -6.92 -16.61
N THR B 330 4.35 -7.18 -16.15
CA THR B 330 5.52 -7.13 -17.06
C THR B 330 5.37 -8.11 -18.22
N GLN B 331 5.03 -9.35 -17.90
CA GLN B 331 4.84 -10.38 -18.93
C GLN B 331 3.75 -9.97 -19.92
N PHE B 332 2.63 -9.48 -19.41
CA PHE B 332 1.48 -9.21 -20.27
C PHE B 332 1.56 -7.87 -20.98
N TYR B 333 2.00 -6.85 -20.25
CA TYR B 333 1.84 -5.45 -20.66
C TYR B 333 3.12 -4.83 -21.20
N HIS B 334 4.27 -5.26 -20.66
CA HIS B 334 5.56 -4.69 -21.09
C HIS B 334 6.54 -5.75 -21.54
N PRO B 335 6.22 -6.47 -22.65
CA PRO B 335 7.08 -7.57 -23.11
C PRO B 335 8.50 -7.10 -23.50
N GLY B 350 19.03 8.78 -33.62
CA GLY B 350 17.87 8.38 -32.84
C GLY B 350 16.75 7.85 -33.69
N PHE B 351 15.52 8.00 -33.19
CA PHE B 351 14.35 7.47 -33.87
C PHE B 351 13.21 8.48 -33.95
N LEU B 352 12.39 8.35 -34.98
CA LEU B 352 11.17 9.13 -35.10
C LEU B 352 9.99 8.19 -34.82
N GLN B 353 9.31 8.43 -33.71
CA GLN B 353 8.13 7.67 -33.37
C GLN B 353 6.93 8.28 -34.10
N TYR B 354 6.23 7.45 -34.86
CA TYR B 354 5.08 7.90 -35.63
C TYR B 354 3.83 7.10 -35.23
N GLN B 355 2.77 7.81 -34.84
CA GLN B 355 1.51 7.17 -34.46
C GLN B 355 0.33 7.83 -35.15
N PHE B 356 -0.60 7.00 -35.63
CA PHE B 356 -1.80 7.51 -36.27
C PHE B 356 -2.95 6.52 -36.10
N VAL B 357 -4.17 7.02 -36.24
CA VAL B 357 -5.35 6.15 -36.28
C VAL B 357 -6.11 6.42 -37.58
N ILE B 358 -6.65 5.36 -38.17
CA ILE B 358 -7.47 5.47 -39.38
C ILE B 358 -8.85 4.96 -39.01
N PRO B 359 -9.93 5.73 -39.30
CA PRO B 359 -11.27 5.27 -38.92
C PRO B 359 -11.61 3.87 -39.47
N THR B 360 -12.40 3.12 -38.70
CA THR B 360 -12.60 1.69 -38.95
C THR B 360 -13.02 1.37 -40.37
N GLU B 361 -13.97 2.15 -40.88
CA GLU B 361 -14.57 1.88 -42.19
C GLU B 361 -13.60 2.14 -43.35
N ALA B 362 -12.56 2.92 -43.09
CA ALA B 362 -11.55 3.18 -44.11
C ALA B 362 -10.48 2.07 -44.16
N VAL B 363 -10.93 0.82 -44.22
CA VAL B 363 -10.03 -0.34 -44.14
C VAL B 363 -9.09 -0.46 -45.35
N ASP B 364 -9.61 -0.23 -46.56
CA ASP B 364 -8.79 -0.30 -47.78
C ASP B 364 -7.70 0.77 -47.79
N GLU B 365 -8.05 1.97 -47.32
CA GLU B 365 -7.09 3.07 -47.20
C GLU B 365 -6.00 2.75 -46.18
N PHE B 366 -6.41 2.10 -45.10
CA PHE B 366 -5.48 1.69 -44.06
C PHE B 366 -4.45 0.69 -44.63
N LYS B 367 -4.91 -0.27 -45.41
CA LYS B 367 -4.01 -1.22 -46.07
C LYS B 367 -3.00 -0.53 -47.00
N LYS B 368 -3.46 0.47 -47.74
CA LYS B 368 -2.59 1.22 -48.64
C LYS B 368 -1.47 1.93 -47.90
N ILE B 369 -1.78 2.54 -46.74
CA ILE B 369 -0.75 3.26 -45.98
C ILE B 369 0.30 2.30 -45.39
N ILE B 370 -0.14 1.12 -44.96
CA ILE B 370 0.79 0.09 -44.49
C ILE B 370 1.71 -0.32 -45.64
N GLY B 371 1.12 -0.55 -46.81
CA GLY B 371 1.88 -0.87 -48.03
C GLY B 371 2.89 0.21 -48.37
N VAL B 372 2.48 1.46 -48.29
CA VAL B 372 3.37 2.59 -48.54
C VAL B 372 4.56 2.59 -47.58
N ILE B 373 4.30 2.37 -46.29
CA ILE B 373 5.36 2.28 -45.29
C ILE B 373 6.39 1.19 -45.69
N GLN B 374 5.88 -0.01 -46.02
CA GLN B 374 6.75 -1.15 -46.40
C GLN B 374 7.64 -0.81 -47.61
N ALA B 375 7.02 -0.35 -48.70
CA ALA B 375 7.75 -0.02 -49.94
C ALA B 375 8.59 1.27 -49.87
N SER B 376 8.61 1.94 -48.71
CA SER B 376 9.30 3.22 -48.59
C SER B 376 10.81 3.10 -48.41
N GLY B 377 11.26 1.89 -48.06
CA GLY B 377 12.65 1.70 -47.66
C GLY B 377 12.92 2.14 -46.22
N HIS B 378 11.93 2.72 -45.57
CA HIS B 378 12.08 3.10 -44.15
C HIS B 378 11.57 1.98 -43.29
N TYR B 379 12.48 1.38 -42.53
CA TYR B 379 12.21 0.09 -41.87
C TYR B 379 11.97 0.19 -40.37
N SER B 380 10.80 -0.27 -39.93
CA SER B 380 10.45 -0.22 -38.50
C SER B 380 10.14 -1.60 -37.96
N PHE B 381 10.76 -1.92 -36.82
CA PHE B 381 10.59 -3.21 -36.10
C PHE B 381 9.69 -3.06 -34.86
N LEU B 382 9.80 -1.92 -34.18
CA LEU B 382 9.01 -1.65 -32.99
C LEU B 382 7.63 -1.13 -33.39
N ASN B 383 6.75 -2.06 -33.75
CA ASN B 383 5.44 -1.73 -34.25
C ASN B 383 4.31 -2.08 -33.27
N VAL B 384 3.23 -1.30 -33.31
CA VAL B 384 2.04 -1.57 -32.51
C VAL B 384 0.81 -1.49 -33.42
N PHE B 385 -0.14 -2.39 -33.21
CA PHE B 385 -1.39 -2.43 -33.94
C PHE B 385 -2.45 -2.67 -32.87
N LYS B 386 -3.46 -1.81 -32.87
CA LYS B 386 -4.60 -1.93 -31.98
C LYS B 386 -5.84 -1.32 -32.62
N LEU B 387 -6.98 -1.96 -32.40
CA LEU B 387 -8.27 -1.44 -32.85
C LEU B 387 -8.92 -0.69 -31.69
N PHE B 388 -8.98 0.64 -31.81
CA PHE B 388 -9.60 1.52 -30.81
C PHE B 388 -11.12 1.34 -30.78
N GLY B 389 -11.73 1.49 -29.62
CA GLY B 389 -13.21 1.53 -29.52
C GLY B 389 -13.73 2.95 -29.65
N PRO B 390 -14.95 3.20 -29.15
CA PRO B 390 -15.61 4.52 -29.26
C PRO B 390 -14.84 5.69 -28.63
N ARG B 391 -15.02 6.88 -29.18
CA ARG B 391 -14.34 8.07 -28.65
CA ARG B 391 -14.34 8.06 -28.64
C ARG B 391 -15.12 8.63 -27.46
N ASN B 392 -14.52 9.57 -26.73
CA ASN B 392 -15.20 10.26 -25.64
C ASN B 392 -15.52 11.70 -26.06
N GLN B 393 -16.05 12.52 -25.15
CA GLN B 393 -16.54 13.86 -25.52
C GLN B 393 -15.49 14.98 -25.49
N ALA B 394 -14.22 14.64 -25.28
CA ALA B 394 -13.14 15.64 -25.29
C ALA B 394 -12.83 16.07 -26.72
N PRO B 395 -13.04 17.37 -27.04
CA PRO B 395 -12.80 17.88 -28.39
C PRO B 395 -11.46 17.48 -29.00
N LEU B 396 -10.40 17.47 -28.20
CA LEU B 396 -9.06 17.18 -28.71
C LEU B 396 -8.53 15.77 -28.35
N SER B 397 -9.41 14.89 -27.88
CA SER B 397 -9.05 13.48 -27.61
C SER B 397 -8.55 12.82 -28.90
N PHE B 398 -7.36 12.22 -28.84
CA PHE B 398 -6.78 11.47 -29.99
C PHE B 398 -7.59 10.24 -30.45
N PRO B 399 -7.94 9.31 -29.53
CA PRO B 399 -8.59 8.10 -30.05
C PRO B 399 -9.96 8.30 -30.73
N ILE B 400 -10.13 7.66 -31.88
CA ILE B 400 -11.43 7.49 -32.53
C ILE B 400 -11.52 6.01 -32.88
N PRO B 401 -12.75 5.48 -33.09
CA PRO B 401 -12.83 4.06 -33.46
C PRO B 401 -12.06 3.78 -34.75
N GLY B 402 -11.25 2.73 -34.74
CA GLY B 402 -10.43 2.41 -35.93
C GLY B 402 -9.01 1.95 -35.66
N TRP B 403 -8.21 1.98 -36.72
CA TRP B 403 -6.91 1.28 -36.79
C TRP B 403 -5.78 2.12 -36.32
N ASN B 404 -5.32 1.85 -35.11
CA ASN B 404 -4.22 2.58 -34.48
C ASN B 404 -2.88 1.88 -34.70
N ILE B 405 -1.89 2.65 -35.13
CA ILE B 405 -0.58 2.13 -35.53
C ILE B 405 0.52 2.98 -34.90
N CYS B 406 1.53 2.30 -34.34
CA CYS B 406 2.77 2.96 -33.94
C CYS B 406 3.91 2.32 -34.70
N VAL B 407 4.77 3.18 -35.27
CA VAL B 407 5.98 2.73 -35.95
C VAL B 407 7.15 3.59 -35.45
N ASP B 408 8.37 3.06 -35.58
CA ASP B 408 9.55 3.76 -35.09
C ASP B 408 10.60 3.75 -36.20
N PHE B 409 10.78 4.90 -36.86
CA PHE B 409 11.73 4.97 -37.96
C PHE B 409 13.11 5.45 -37.53
N PRO B 410 14.16 4.69 -37.90
CA PRO B 410 15.51 5.21 -37.68
C PRO B 410 15.70 6.46 -38.52
N ILE B 411 16.17 7.53 -37.89
CA ILE B 411 16.47 8.77 -38.59
C ILE B 411 17.49 8.52 -39.72
N LYS B 412 17.08 8.86 -40.95
CA LYS B 412 17.96 8.83 -42.11
C LYS B 412 17.42 9.76 -43.22
N ASP B 413 18.17 9.88 -44.31
CA ASP B 413 17.84 10.84 -45.37
C ASP B 413 16.54 10.52 -46.08
N GLY B 414 15.72 11.56 -46.23
CA GLY B 414 14.42 11.44 -46.88
C GLY B 414 13.26 11.22 -45.93
N LEU B 415 13.55 10.89 -44.67
CA LEU B 415 12.51 10.53 -43.70
C LEU B 415 11.47 11.63 -43.45
N GLY B 416 11.95 12.82 -43.11
CA GLY B 416 11.09 13.99 -42.85
C GLY B 416 10.12 14.23 -43.98
N LYS B 417 10.62 14.11 -45.20
CA LYS B 417 9.83 14.26 -46.42
C LYS B 417 8.81 13.13 -46.54
N PHE B 418 9.25 11.91 -46.22
CA PHE B 418 8.36 10.75 -46.27
C PHE B 418 7.23 10.78 -45.25
N VAL B 419 7.53 11.19 -44.02
CA VAL B 419 6.50 11.27 -42.97
C VAL B 419 5.46 12.36 -43.26
N SER B 420 5.90 13.44 -43.91
CA SER B 420 4.98 14.46 -44.43
C SER B 420 3.98 13.88 -45.42
N GLU B 421 4.45 13.02 -46.32
CA GLU B 421 3.58 12.30 -47.25
C GLU B 421 2.62 11.36 -46.51
N LEU B 422 3.11 10.76 -45.43
CA LEU B 422 2.27 9.94 -44.55
C LEU B 422 1.17 10.77 -43.88
N ASP B 423 1.55 11.92 -43.34
CA ASP B 423 0.61 12.87 -42.75
C ASP B 423 -0.55 13.17 -43.68
N ARG B 424 -0.22 13.44 -44.95
CA ARG B 424 -1.24 13.84 -45.90
C ARG B 424 -2.18 12.69 -46.24
N ARG B 425 -1.68 11.46 -46.17
CA ARG B 425 -2.54 10.30 -46.37
C ARG B 425 -3.44 10.11 -45.14
N VAL B 426 -2.86 10.18 -43.94
CA VAL B 426 -3.63 10.06 -42.71
C VAL B 426 -4.75 11.13 -42.73
N LEU B 427 -4.39 12.34 -43.11
CA LEU B 427 -5.34 13.43 -43.27
C LEU B 427 -6.45 13.10 -44.27
N GLU B 428 -6.05 12.67 -45.46
CA GLU B 428 -6.97 12.31 -46.54
C GLU B 428 -8.01 11.30 -46.10
N PHE B 429 -7.56 10.30 -45.34
CA PHE B 429 -8.43 9.16 -45.01
C PHE B 429 -9.27 9.37 -43.76
N GLY B 430 -9.29 10.58 -43.22
CA GLY B 430 -10.12 10.90 -42.05
C GLY B 430 -9.48 10.56 -40.72
N GLY B 431 -8.17 10.30 -40.72
CA GLY B 431 -7.48 9.92 -39.49
C GLY B 431 -6.78 11.10 -38.82
N ARG B 432 -6.05 10.80 -37.76
CA ARG B 432 -5.29 11.84 -37.07
C ARG B 432 -3.99 11.35 -36.45
N LEU B 433 -3.14 12.33 -36.11
CA LEU B 433 -1.92 12.17 -35.33
C LEU B 433 -2.14 12.55 -33.88
N TYR B 434 -1.25 12.05 -33.02
CA TYR B 434 -1.33 12.18 -31.57
C TYR B 434 -0.34 13.26 -31.10
N THR B 435 -0.82 14.25 -30.34
CA THR B 435 0.03 15.35 -29.83
C THR B 435 1.21 14.86 -28.99
N ALA B 436 1.03 13.74 -28.30
CA ALA B 436 2.04 13.20 -27.39
C ALA B 436 3.25 12.60 -28.10
N LYS B 437 3.19 12.50 -29.43
CA LYS B 437 4.33 12.05 -30.23
C LYS B 437 4.61 13.00 -31.40
N ASP B 438 4.21 14.26 -31.26
CA ASP B 438 4.35 15.16 -32.39
C ASP B 438 5.08 16.46 -32.07
N SER B 439 6.00 16.81 -32.96
CA SER B 439 6.65 18.11 -32.92
C SER B 439 6.77 18.78 -34.31
N ARG B 440 6.29 18.13 -35.37
CA ARG B 440 6.49 18.65 -36.74
C ARG B 440 5.27 19.04 -37.55
N THR B 441 4.16 18.36 -37.35
CA THR B 441 2.98 18.61 -38.18
C THR B 441 2.49 20.07 -38.03
N THR B 442 1.87 20.60 -39.09
CA THR B 442 1.51 22.02 -39.15
C THR B 442 0.17 22.32 -38.50
N ALA B 443 -0.12 23.60 -38.34
CA ALA B 443 -1.37 24.06 -37.74
C ALA B 443 -2.59 23.73 -38.61
N GLU B 444 -2.41 23.75 -39.93
CA GLU B 444 -3.48 23.43 -40.87
C GLU B 444 -3.82 21.94 -40.82
N THR B 445 -2.78 21.11 -40.80
CA THR B 445 -2.96 19.65 -40.71
C THR B 445 -3.72 19.26 -39.44
N PHE B 446 -3.23 19.74 -38.29
CA PHE B 446 -3.90 19.51 -37.01
C PHE B 446 -5.36 19.94 -36.97
N HIS B 447 -5.61 21.20 -37.35
CA HIS B 447 -6.97 21.74 -37.30
CA HIS B 447 -6.98 21.78 -37.35
C HIS B 447 -7.90 20.93 -38.17
N ALA B 448 -7.40 20.46 -39.32
CA ALA B 448 -8.18 19.61 -40.22
C ALA B 448 -8.41 18.20 -39.66
N MET B 449 -7.42 17.68 -38.93
CA MET B 449 -7.52 16.39 -38.24
C MET B 449 -8.48 16.41 -37.05
N TYR B 450 -8.66 17.58 -36.45
CA TYR B 450 -9.50 17.71 -35.28
C TYR B 450 -10.59 18.75 -35.57
N PRO B 451 -11.71 18.32 -36.19
CA PRO B 451 -12.80 19.24 -36.56
C PRO B 451 -13.43 19.98 -35.39
N ARG B 452 -13.25 19.49 -34.16
CA ARG B 452 -13.81 20.18 -32.98
C ARG B 452 -12.84 21.18 -32.35
N VAL B 453 -11.74 21.48 -33.03
CA VAL B 453 -10.71 22.36 -32.50
C VAL B 453 -11.15 23.81 -32.25
N ASP B 454 -12.01 24.33 -33.12
CA ASP B 454 -12.53 25.70 -32.96
C ASP B 454 -13.39 25.79 -31.71
N GLU B 455 -14.25 24.79 -31.52
CA GLU B 455 -15.04 24.64 -30.31
C GLU B 455 -14.12 24.61 -29.08
N TRP B 456 -13.01 23.91 -29.20
CA TRP B 456 -12.06 23.78 -28.10
C TRP B 456 -11.32 25.07 -27.83
N ILE B 457 -10.91 25.76 -28.89
CA ILE B 457 -10.19 27.05 -28.75
C ILE B 457 -11.03 28.11 -28.02
N SER B 458 -12.32 28.17 -28.34
CA SER B 458 -13.26 29.08 -27.67
C SER B 458 -13.29 28.87 -26.16
N VAL B 459 -13.34 27.61 -25.74
CA VAL B 459 -13.35 27.26 -24.32
C VAL B 459 -12.01 27.66 -23.68
N ARG B 460 -10.92 27.53 -24.43
CA ARG B 460 -9.60 27.85 -23.94
C ARG B 460 -9.36 29.36 -23.73
N ARG B 461 -9.92 30.18 -24.62
CA ARG B 461 -9.84 31.63 -24.49
C ARG B 461 -10.81 32.16 -23.43
N LYS B 462 -11.93 31.46 -23.27
CA LYS B 462 -12.90 31.77 -22.23
C LYS B 462 -12.33 31.53 -20.83
N VAL B 463 -11.19 30.84 -20.76
CA VAL B 463 -10.55 30.50 -19.49
C VAL B 463 -9.14 31.10 -19.35
N ASP B 464 -8.53 31.48 -20.47
CA ASP B 464 -7.18 32.04 -20.48
C ASP B 464 -7.05 33.12 -21.57
N PRO B 465 -7.84 34.22 -21.45
CA PRO B 465 -7.83 35.26 -22.49
C PRO B 465 -6.45 35.92 -22.67
N LEU B 466 -5.69 36.02 -21.59
CA LEU B 466 -4.40 36.71 -21.60
C LEU B 466 -3.23 35.81 -22.01
N ARG B 467 -3.52 34.54 -22.29
CA ARG B 467 -2.53 33.53 -22.71
C ARG B 467 -1.39 33.34 -21.70
N VAL B 468 -1.78 33.17 -20.44
CA VAL B 468 -0.86 32.84 -19.35
C VAL B 468 -0.25 31.45 -19.54
N PHE B 469 -1.02 30.55 -20.15
CA PHE B 469 -0.55 29.20 -20.43
C PHE B 469 -0.19 29.01 -21.90
N ALA B 470 1.05 28.62 -22.15
CA ALA B 470 1.57 28.44 -23.50
C ALA B 470 2.74 27.46 -23.54
N SER B 471 2.95 26.86 -24.71
CA SER B 471 4.03 25.92 -24.94
C SER B 471 4.49 26.03 -26.37
N ASP B 472 5.54 25.30 -26.73
CA ASP B 472 6.01 25.25 -28.12
C ASP B 472 4.97 24.63 -29.05
N MET B 473 4.27 23.60 -28.57
CA MET B 473 3.19 22.98 -29.34
C MET B 473 2.06 23.96 -29.62
N ALA B 474 1.66 24.71 -28.60
CA ALA B 474 0.56 25.65 -28.69
C ALA B 474 0.81 26.69 -29.77
N ARG B 475 2.05 27.16 -29.84
CA ARG B 475 2.44 28.19 -30.81
C ARG B 475 2.51 27.61 -32.22
N ARG B 476 3.15 26.44 -32.34
CA ARG B 476 3.25 25.71 -33.59
C ARG B 476 1.89 25.34 -34.19
N LEU B 477 0.96 24.89 -33.35
CA LEU B 477 -0.34 24.41 -33.80
C LEU B 477 -1.42 25.49 -33.73
N GLU B 478 -1.02 26.66 -33.25
CA GLU B 478 -1.87 27.84 -33.12
C GLU B 478 -3.13 27.56 -32.30
N LEU B 479 -2.93 26.89 -31.16
CA LEU B 479 -4.04 26.54 -30.28
C LEU B 479 -4.30 27.64 -29.25
N LEU B 480 -3.40 28.61 -29.19
CA LEU B 480 -3.53 29.77 -28.32
C LEU B 480 -4.73 30.64 -28.72
#